data_2WUS
#
_entry.id   2WUS
#
_cell.length_a   81.813
_cell.length_b   109.836
_cell.length_c   112.273
_cell.angle_alpha   90.00
_cell.angle_beta   90.00
_cell.angle_gamma   90.00
#
_symmetry.space_group_name_H-M   'P 2 21 21'
#
loop_
_entity.id
_entity.type
_entity.pdbx_description
1 polymer 'ROD SHAPE-DETERMINING PROTEIN MREB'
2 polymer 'PUTATIVE UNCHARACTERIZED PROTEIN'
#
loop_
_entity_poly.entity_id
_entity_poly.type
_entity_poly.pdbx_seq_one_letter_code
_entity_poly.pdbx_strand_id
1 'polypeptide(L)'
;MLRKDIGIDLGTANTLVFLRGKGIVVNEPSVIAIDSTTGEILKVGLEAKNMIGKTPATIKAIRPMRDGVIADYTVALVML
RYFINKAKGGMNLFKPRVVIGVPIGITDVERRAILDAGLEAGASKVFLIEEPMAAAIGSNLNVEEPSGNMVVDIGGGTTE
VAVISLGSIVTWESIRIAGDEMDEAIVQYVRETYRVAIGERTAERVKIEIGNVFPSKENDELETTVSGIDLSTGLPRKLT
LKGGEVREALRSVVVAIVESVRTTLEKTPPELVSDIIERGIFLTGGGSLLRGLDTLLQKETGISVIRSEEPLTAVAKGAG
MVLDKVNILKKLQGAGGSHHHHHH
;
A,B
2 'polypeptide(L)'
;MSEKWKELGETFRKKREERRITLLDASLFTNINPSKLKRIEEGDLKGLDAEVYIKSYIKRYSEFLELSPDEMLKLYEEGK
EEVAEEVEEKKPRKKKEKEKTRDLGSHHHHHH
;
R,S
#
# COMPACT_ATOMS: atom_id res chain seq x y z
N LEU A 2 16.56 26.35 -20.90
CA LEU A 2 16.87 27.32 -21.95
C LEU A 2 16.58 26.77 -23.35
N ARG A 3 17.60 26.56 -24.19
CA ARG A 3 17.34 26.30 -25.62
C ARG A 3 16.64 24.98 -25.92
N LYS A 4 17.25 23.85 -25.58
CA LYS A 4 16.56 22.58 -25.80
C LYS A 4 15.89 22.03 -24.55
N ASP A 5 14.90 21.18 -24.75
CA ASP A 5 14.09 20.64 -23.66
C ASP A 5 14.28 19.15 -23.64
N ILE A 6 14.58 18.58 -22.48
CA ILE A 6 14.74 17.13 -22.44
C ILE A 6 14.07 16.46 -21.28
N GLY A 7 13.53 15.30 -21.56
CA GLY A 7 13.02 14.42 -20.53
C GLY A 7 13.95 13.25 -20.38
N ILE A 8 14.23 12.90 -19.12
CA ILE A 8 15.10 11.79 -18.79
C ILE A 8 14.30 10.69 -18.08
N ASP A 9 14.39 9.45 -18.57
CA ASP A 9 13.89 8.29 -17.82
C ASP A 9 15.07 7.54 -17.21
N LEU A 10 15.49 7.95 -16.01
CA LEU A 10 16.53 7.22 -15.28
C LEU A 10 16.01 5.87 -14.84
N GLY A 11 16.62 4.81 -15.34
CA GLY A 11 16.24 3.47 -14.96
C GLY A 11 17.39 2.71 -14.37
N THR A 12 17.11 1.57 -13.77
CA THR A 12 18.15 0.74 -13.18
C THR A 12 18.70 -0.19 -14.25
N ALA A 13 18.23 -0.04 -15.48
CA ALA A 13 18.77 -0.81 -16.58
C ALA A 13 19.43 0.14 -17.57
N ASN A 14 18.60 0.74 -18.43
CA ASN A 14 19.08 1.76 -19.34
C ASN A 14 18.44 3.11 -19.09
N THR A 15 19.24 4.15 -19.21
CA THR A 15 18.70 5.49 -19.19
C THR A 15 18.34 5.94 -20.60
N LEU A 16 17.17 6.55 -20.73
CA LEU A 16 16.64 7.00 -22.01
C LEU A 16 16.50 8.51 -21.92
N VAL A 17 16.98 9.22 -22.93
CA VAL A 17 16.81 10.67 -22.94
C VAL A 17 16.02 11.12 -24.16
N PHE A 18 14.90 11.80 -23.92
CA PHE A 18 14.09 12.31 -25.01
C PHE A 18 14.40 13.76 -25.28
N LEU A 19 14.72 14.06 -26.53
CA LEU A 19 14.93 15.43 -26.95
C LEU A 19 13.69 15.91 -27.68
N ARG A 20 13.22 17.11 -27.38
CA ARG A 20 12.08 17.67 -28.11
C ARG A 20 12.49 18.22 -29.47
N GLY A 21 11.78 17.78 -30.50
CA GLY A 21 12.12 18.10 -31.87
C GLY A 21 12.93 17.01 -32.54
N LYS A 22 13.29 15.98 -31.78
CA LYS A 22 14.18 14.95 -32.31
C LYS A 22 13.70 13.54 -31.98
N GLY A 23 13.58 13.25 -30.70
CA GLY A 23 13.18 11.94 -30.26
C GLY A 23 14.07 11.40 -29.18
N ILE A 24 14.04 10.09 -28.99
CA ILE A 24 15.00 9.43 -28.13
C ILE A 24 16.39 9.58 -28.74
N VAL A 25 17.18 10.48 -28.16
CA VAL A 25 18.54 10.73 -28.63
C VAL A 25 19.56 9.98 -27.78
N VAL A 26 19.10 9.27 -26.76
CA VAL A 26 20.01 8.50 -25.92
C VAL A 26 19.39 7.25 -25.33
N ASN A 27 19.96 6.09 -25.65
CA ASN A 27 19.65 4.87 -24.91
C ASN A 27 20.96 4.14 -24.62
N GLU A 28 21.48 4.37 -23.41
CA GLU A 28 22.73 3.80 -22.95
C GLU A 28 22.53 3.22 -21.54
N PRO A 29 23.28 2.17 -21.18
CA PRO A 29 23.13 1.52 -19.86
C PRO A 29 23.47 2.45 -18.70
N SER A 30 22.75 2.33 -17.58
CA SER A 30 22.98 3.21 -16.42
C SER A 30 24.19 2.81 -15.56
N VAL A 31 25.40 2.89 -16.13
CA VAL A 31 26.60 2.37 -15.46
C VAL A 31 27.82 3.28 -15.58
N ILE A 32 28.53 3.48 -14.46
CA ILE A 32 29.87 4.07 -14.54
C ILE A 32 30.97 3.04 -14.18
N ALA A 33 32.07 3.07 -14.93
CA ALA A 33 33.20 2.20 -14.67
C ALA A 33 34.30 3.00 -14.01
N ILE A 34 34.70 2.63 -12.80
CA ILE A 34 35.83 3.29 -12.15
C ILE A 34 37.00 2.30 -11.98
N ASP A 35 38.24 2.79 -12.00
CA ASP A 35 39.38 1.88 -11.88
C ASP A 35 39.46 1.31 -10.47
N SER A 36 39.66 0.00 -10.39
CA SER A 36 39.52 -0.74 -9.14
C SER A 36 40.46 -0.28 -8.03
N THR A 37 41.38 0.61 -8.35
CA THR A 37 42.39 1.00 -7.40
C THR A 37 42.24 2.45 -6.92
N THR A 38 42.28 3.38 -7.86
CA THR A 38 42.22 4.81 -7.56
C THR A 38 40.81 5.30 -7.18
N GLY A 39 39.80 4.75 -7.86
CA GLY A 39 38.44 5.27 -7.73
C GLY A 39 38.29 6.36 -8.77
N GLU A 40 39.01 6.18 -9.88
CA GLU A 40 39.03 7.13 -10.98
C GLU A 40 37.88 6.82 -11.94
N ILE A 41 36.86 7.67 -11.91
CA ILE A 41 35.78 7.51 -12.85
C ILE A 41 36.37 7.52 -14.26
N LEU A 42 36.24 6.38 -14.93
CA LEU A 42 36.81 6.18 -16.26
C LEU A 42 35.80 6.43 -17.36
N LYS A 43 34.76 5.61 -17.42
CA LYS A 43 33.75 5.81 -18.44
C LYS A 43 32.35 5.81 -17.86
N VAL A 44 31.43 6.39 -18.62
CA VAL A 44 30.03 6.34 -18.26
C VAL A 44 29.23 5.86 -19.47
N GLY A 45 28.19 5.08 -19.22
CA GLY A 45 27.28 4.64 -20.26
C GLY A 45 27.70 3.40 -21.02
N LEU A 46 27.41 3.41 -22.32
CA LEU A 46 27.69 2.31 -23.21
C LEU A 46 29.20 2.04 -23.25
N GLU A 47 29.98 3.12 -23.34
CA GLU A 47 31.42 3.03 -23.22
C GLU A 47 31.84 2.23 -21.98
N ALA A 48 30.98 2.20 -20.97
CA ALA A 48 31.27 1.51 -19.70
C ALA A 48 30.71 0.10 -19.68
N LYS A 49 29.67 -0.16 -20.44
CA LYS A 49 29.16 -1.50 -20.53
C LYS A 49 30.21 -2.28 -21.27
N ASN A 50 30.82 -1.62 -22.25
CA ASN A 50 31.78 -2.27 -23.13
C ASN A 50 33.10 -2.68 -22.45
N MET A 51 33.77 -1.70 -21.83
CA MET A 51 35.05 -1.98 -21.19
C MET A 51 34.88 -2.77 -19.89
N ILE A 52 33.65 -3.01 -19.50
CA ILE A 52 33.40 -3.85 -18.33
C ILE A 52 33.37 -5.32 -18.77
N GLY A 53 33.23 -5.52 -20.07
CA GLY A 53 33.17 -6.87 -20.63
C GLY A 53 34.52 -7.24 -21.20
N LYS A 54 35.30 -6.22 -21.52
CA LYS A 54 36.66 -6.44 -21.95
C LYS A 54 37.59 -6.68 -20.75
N THR A 55 37.51 -5.80 -19.76
CA THR A 55 38.45 -5.76 -18.63
C THR A 55 37.75 -5.67 -17.27
N PRO A 56 37.00 -6.71 -16.88
CA PRO A 56 36.20 -6.61 -15.66
C PRO A 56 37.06 -6.66 -14.40
N ALA A 57 38.30 -7.09 -14.57
CA ALA A 57 39.17 -7.37 -13.43
C ALA A 57 39.93 -6.13 -12.98
N THR A 58 39.81 -5.05 -13.74
CA THR A 58 40.51 -3.80 -13.40
C THR A 58 39.50 -2.67 -13.31
N ILE A 59 38.34 -2.99 -12.75
CA ILE A 59 37.22 -2.07 -12.78
C ILE A 59 36.18 -2.43 -11.74
N LYS A 60 35.61 -1.38 -11.13
CA LYS A 60 34.45 -1.47 -10.26
C LYS A 60 33.27 -0.85 -11.03
N ALA A 61 32.17 -1.59 -11.14
CA ALA A 61 30.97 -1.10 -11.83
C ALA A 61 29.99 -0.52 -10.83
N ILE A 62 29.62 0.72 -11.03
CA ILE A 62 28.72 1.38 -10.11
C ILE A 62 27.44 1.76 -10.86
N ARG A 63 26.31 1.31 -10.31
CA ARG A 63 24.99 1.62 -10.86
C ARG A 63 24.23 2.54 -9.91
N PRO A 64 24.23 3.84 -10.23
CA PRO A 64 23.80 4.97 -9.39
C PRO A 64 22.39 4.86 -8.79
N MET A 65 21.47 4.27 -9.52
CA MET A 65 20.12 4.08 -9.00
C MET A 65 19.97 2.67 -8.43
N ARG A 66 20.30 2.53 -7.15
CA ARG A 66 20.34 1.23 -6.47
C ARG A 66 19.03 0.47 -6.59
N ASP A 67 17.97 1.11 -6.13
CA ASP A 67 16.66 0.47 -6.10
C ASP A 67 15.73 1.25 -7.02
N GLY A 68 15.18 2.34 -6.52
CA GLY A 68 14.32 3.18 -7.34
C GLY A 68 14.88 4.57 -7.42
N VAL A 69 15.47 5.03 -6.33
CA VAL A 69 15.95 6.40 -6.25
C VAL A 69 17.48 6.48 -6.34
N ILE A 70 18.03 7.60 -5.85
CA ILE A 70 19.46 7.87 -5.92
C ILE A 70 20.20 7.56 -4.62
N ALA A 71 21.20 6.68 -4.73
CA ALA A 71 22.02 6.27 -3.60
C ALA A 71 23.32 7.05 -3.55
N ASP A 72 24.18 6.84 -4.55
CA ASP A 72 25.48 7.49 -4.58
C ASP A 72 25.41 8.83 -5.30
N TYR A 73 24.95 9.85 -4.58
CA TYR A 73 24.65 11.17 -5.15
C TYR A 73 25.78 11.81 -5.97
N THR A 74 27.03 11.49 -5.65
CA THR A 74 28.13 12.03 -6.40
C THR A 74 28.27 11.30 -7.72
N VAL A 75 27.95 10.01 -7.70
CA VAL A 75 28.04 9.20 -8.90
C VAL A 75 26.88 9.57 -9.81
N ALA A 76 25.72 9.75 -9.19
CA ALA A 76 24.54 10.23 -9.91
C ALA A 76 24.90 11.52 -10.64
N LEU A 77 25.06 12.59 -9.87
CA LEU A 77 25.58 13.85 -10.36
C LEU A 77 26.38 13.67 -11.64
N VAL A 78 27.35 12.76 -11.59
CA VAL A 78 28.25 12.49 -12.71
C VAL A 78 27.55 11.80 -13.87
N MET A 79 26.73 10.82 -13.54
CA MET A 79 25.98 10.15 -14.58
C MET A 79 25.08 11.17 -15.24
N LEU A 80 24.19 11.74 -14.43
CA LEU A 80 23.35 12.82 -14.87
C LEU A 80 24.07 13.79 -15.80
N ARG A 81 25.25 14.23 -15.40
CA ARG A 81 25.96 15.25 -16.15
C ARG A 81 26.32 14.66 -17.51
N TYR A 82 26.54 13.35 -17.54
CA TYR A 82 26.89 12.64 -18.76
C TYR A 82 25.77 12.56 -19.80
N PHE A 83 24.56 12.24 -19.35
CA PHE A 83 23.43 12.04 -20.26
C PHE A 83 22.86 13.36 -20.79
N ILE A 84 22.62 14.32 -19.90
CA ILE A 84 22.22 15.67 -20.29
C ILE A 84 23.18 16.23 -21.34
N ASN A 85 24.43 15.83 -21.26
CA ASN A 85 25.44 16.29 -22.20
C ASN A 85 25.45 15.54 -23.52
N LYS A 86 25.32 14.23 -23.50
CA LYS A 86 25.21 13.50 -24.76
C LYS A 86 23.92 13.91 -25.49
N ALA A 87 22.86 14.12 -24.71
CA ALA A 87 21.59 14.57 -25.24
C ALA A 87 21.69 16.00 -25.78
N LYS A 88 22.34 16.87 -25.03
CA LYS A 88 22.41 18.28 -25.40
C LYS A 88 22.91 18.38 -26.83
N GLY A 89 23.97 17.66 -27.15
CA GLY A 89 24.47 17.56 -28.51
C GLY A 89 25.98 17.65 -28.65
N GLY A 90 26.59 18.53 -27.87
CA GLY A 90 28.00 18.83 -28.03
C GLY A 90 28.17 20.20 -28.68
N MET A 91 27.55 20.36 -29.85
CA MET A 91 27.54 21.66 -30.52
C MET A 91 26.57 22.62 -29.82
N ASN A 92 25.80 22.10 -28.87
CA ASN A 92 24.96 22.96 -28.05
C ASN A 92 25.69 23.47 -26.80
N LEU A 93 25.45 24.73 -26.48
CA LEU A 93 26.11 25.37 -25.37
C LEU A 93 25.13 26.21 -24.54
N PHE A 94 23.95 25.66 -24.29
CA PHE A 94 23.00 26.31 -23.39
C PHE A 94 22.60 25.26 -22.37
N LYS A 95 22.22 25.70 -21.18
CA LYS A 95 21.71 24.76 -20.20
C LYS A 95 20.28 24.42 -20.57
N PRO A 96 19.99 23.12 -20.70
CA PRO A 96 18.70 22.64 -21.19
C PRO A 96 17.68 22.62 -20.06
N ARG A 97 16.40 22.57 -20.40
CA ARG A 97 15.33 22.30 -19.42
C ARG A 97 15.11 20.80 -19.30
N VAL A 98 15.04 20.32 -18.07
CA VAL A 98 15.07 18.89 -17.84
C VAL A 98 13.90 18.47 -16.97
N VAL A 99 13.14 17.51 -17.46
CA VAL A 99 12.11 16.88 -16.66
C VAL A 99 12.51 15.45 -16.45
N ILE A 100 12.69 15.08 -15.19
CA ILE A 100 13.12 13.73 -14.82
C ILE A 100 11.98 12.92 -14.23
N GLY A 101 11.90 11.65 -14.61
CA GLY A 101 10.91 10.75 -14.03
C GLY A 101 11.31 10.14 -12.69
N VAL A 102 10.43 10.30 -11.69
CA VAL A 102 10.65 9.76 -10.34
C VAL A 102 9.63 8.67 -10.04
N PRO A 103 9.92 7.79 -9.09
CA PRO A 103 8.92 6.81 -8.65
C PRO A 103 7.88 7.51 -7.82
N ILE A 104 6.73 6.87 -7.61
CA ILE A 104 5.61 7.51 -6.94
C ILE A 104 5.89 7.68 -5.46
N GLY A 105 6.19 6.58 -4.78
CA GLY A 105 6.47 6.62 -3.34
C GLY A 105 7.86 7.13 -3.00
N ILE A 106 7.98 8.44 -2.85
CA ILE A 106 9.29 9.07 -2.73
C ILE A 106 9.26 10.23 -1.75
N THR A 107 10.17 10.20 -0.80
CA THR A 107 10.24 11.22 0.26
C THR A 107 10.72 12.55 -0.29
N ASP A 108 10.26 13.66 0.29
CA ASP A 108 10.65 14.94 -0.29
C ASP A 108 12.17 15.07 -0.29
N VAL A 109 12.79 14.56 0.77
CA VAL A 109 14.26 14.49 0.84
C VAL A 109 14.86 13.80 -0.38
N GLU A 110 14.37 12.62 -0.73
CA GLU A 110 14.84 11.96 -1.95
C GLU A 110 14.50 12.82 -3.15
N ARG A 111 13.43 13.60 -3.04
CA ARG A 111 13.02 14.53 -4.12
C ARG A 111 13.95 15.73 -4.24
N ARG A 112 14.21 16.39 -3.12
CA ARG A 112 15.11 17.54 -3.09
C ARG A 112 16.42 17.18 -3.78
N ALA A 113 16.92 15.99 -3.47
CA ALA A 113 18.19 15.50 -3.99
C ALA A 113 18.21 15.60 -5.49
N ILE A 114 17.51 14.70 -6.17
CA ILE A 114 17.46 14.70 -7.64
C ILE A 114 17.29 16.09 -8.28
N LEU A 115 16.50 16.95 -7.66
CA LEU A 115 16.37 18.31 -8.18
C LEU A 115 17.73 19.00 -8.19
N ASP A 116 18.47 18.86 -7.10
CA ASP A 116 19.81 19.43 -6.97
C ASP A 116 20.83 18.85 -7.94
N ALA A 117 21.04 17.53 -7.87
CA ALA A 117 21.81 16.78 -8.85
C ALA A 117 21.61 17.31 -10.27
N GLY A 118 20.38 17.24 -10.74
CA GLY A 118 20.05 17.76 -12.05
C GLY A 118 20.57 19.17 -12.23
N LEU A 119 20.28 20.05 -11.27
CA LEU A 119 20.71 21.43 -11.39
C LEU A 119 22.21 21.55 -11.51
N GLU A 120 22.92 20.68 -10.80
CA GLU A 120 24.36 20.69 -10.86
C GLU A 120 24.80 20.07 -12.18
N ALA A 121 24.20 18.94 -12.55
CA ALA A 121 24.56 18.26 -13.78
C ALA A 121 24.53 19.17 -15.01
N GLY A 122 23.84 20.31 -14.93
CA GLY A 122 23.83 21.25 -16.04
C GLY A 122 22.50 21.86 -16.48
N ALA A 123 21.42 21.43 -15.86
CA ALA A 123 20.08 21.92 -16.22
C ALA A 123 19.92 23.36 -15.77
N SER A 124 19.29 24.18 -16.61
CA SER A 124 18.94 25.54 -16.20
C SER A 124 17.68 25.55 -15.35
N LYS A 125 16.89 24.49 -15.49
CA LYS A 125 15.62 24.35 -14.80
C LYS A 125 15.28 22.87 -14.81
N VAL A 126 14.74 22.36 -13.73
CA VAL A 126 14.42 20.93 -13.64
C VAL A 126 13.03 20.66 -13.07
N PHE A 127 12.32 19.70 -13.65
CA PHE A 127 11.04 19.30 -13.08
C PHE A 127 11.03 17.81 -12.80
N LEU A 128 10.21 17.40 -11.83
CA LEU A 128 9.97 15.99 -11.59
C LEU A 128 8.58 15.61 -12.03
N ILE A 129 8.36 14.32 -12.22
CA ILE A 129 7.09 13.81 -12.69
C ILE A 129 7.13 12.32 -12.41
N GLU A 130 6.16 11.79 -11.68
CA GLU A 130 6.12 10.35 -11.43
C GLU A 130 6.11 9.56 -12.74
N GLU A 131 6.92 8.50 -12.79
CA GLU A 131 7.09 7.70 -14.02
C GLU A 131 5.77 7.35 -14.74
N PRO A 132 4.70 6.98 -14.00
CA PRO A 132 3.45 6.61 -14.68
C PRO A 132 2.73 7.78 -15.38
N MET A 133 2.67 8.95 -14.76
CA MET A 133 2.04 10.09 -15.41
C MET A 133 2.79 10.44 -16.69
N ALA A 134 4.10 10.43 -16.60
CA ALA A 134 4.90 10.59 -17.80
C ALA A 134 4.53 9.53 -18.86
N ALA A 135 4.47 8.25 -18.49
CA ALA A 135 4.08 7.21 -19.44
C ALA A 135 2.72 7.50 -20.10
N ALA A 136 1.71 7.75 -19.26
CA ALA A 136 0.38 8.04 -19.76
C ALA A 136 0.43 9.17 -20.76
N ILE A 137 1.22 10.22 -20.49
CA ILE A 137 1.34 11.34 -21.41
C ILE A 137 2.09 11.02 -22.70
N GLY A 138 3.04 10.09 -22.61
CA GLY A 138 3.85 9.67 -23.74
C GLY A 138 3.11 8.79 -24.73
N SER A 139 2.31 7.88 -24.21
CA SER A 139 1.21 7.31 -24.99
C SER A 139 0.23 8.45 -24.92
N ASN A 140 -0.62 8.67 -25.90
CA ASN A 140 -1.41 9.89 -25.79
C ASN A 140 -2.77 9.72 -25.13
N LEU A 141 -2.83 8.97 -24.03
CA LEU A 141 -4.01 8.93 -23.20
C LEU A 141 -4.22 10.37 -22.74
N ASN A 142 -5.46 10.72 -22.49
CA ASN A 142 -5.75 12.07 -22.03
C ASN A 142 -5.87 12.02 -20.54
N VAL A 143 -4.86 12.54 -19.86
CA VAL A 143 -4.84 12.41 -18.42
C VAL A 143 -5.60 13.55 -17.80
N GLU A 144 -5.79 14.59 -18.59
CA GLU A 144 -6.63 15.71 -18.17
C GLU A 144 -8.10 15.28 -18.09
N GLU A 145 -8.49 14.34 -18.95
CA GLU A 145 -9.87 13.83 -19.00
C GLU A 145 -10.27 13.16 -17.68
N PRO A 146 -11.57 13.15 -17.35
CA PRO A 146 -12.01 12.59 -16.07
C PRO A 146 -12.28 11.08 -16.10
N SER A 147 -11.90 10.42 -17.19
CA SER A 147 -12.13 8.99 -17.27
C SER A 147 -10.95 8.30 -16.63
N GLY A 148 -11.20 7.21 -15.90
CA GLY A 148 -10.14 6.47 -15.26
C GLY A 148 -9.15 5.93 -16.27
N ASN A 149 -7.87 5.90 -15.89
CA ASN A 149 -6.84 5.23 -16.65
C ASN A 149 -6.01 4.41 -15.69
N MET A 150 -5.53 3.25 -16.11
CA MET A 150 -4.62 2.48 -15.27
C MET A 150 -3.35 2.05 -16.00
N VAL A 151 -2.22 2.57 -15.55
CA VAL A 151 -0.93 2.21 -16.09
C VAL A 151 -0.21 1.30 -15.15
N VAL A 152 0.45 0.30 -15.71
CA VAL A 152 1.35 -0.60 -14.97
C VAL A 152 2.75 -0.53 -15.57
N ASP A 153 3.64 0.20 -14.90
CA ASP A 153 5.03 0.41 -15.30
C ASP A 153 5.91 -0.57 -14.53
N ILE A 154 6.31 -1.63 -15.22
CA ILE A 154 7.29 -2.54 -14.66
C ILE A 154 8.63 -2.17 -15.23
N GLY A 155 9.55 -1.77 -14.36
CA GLY A 155 10.90 -1.51 -14.80
C GLY A 155 11.79 -2.70 -14.51
N GLY A 156 13.00 -2.42 -14.03
CA GLY A 156 13.90 -3.45 -13.56
C GLY A 156 13.98 -3.42 -12.04
N GLY A 157 13.71 -2.25 -11.47
CA GLY A 157 13.82 -2.08 -10.04
C GLY A 157 12.47 -2.20 -9.36
N THR A 158 11.46 -1.55 -9.95
CA THR A 158 10.16 -1.48 -9.30
C THR A 158 8.98 -1.54 -10.26
N THR A 159 7.96 -2.29 -9.87
CA THR A 159 6.70 -2.26 -10.59
C THR A 159 5.77 -1.27 -9.91
N GLU A 160 5.21 -0.36 -10.72
CA GLU A 160 4.31 0.69 -10.27
C GLU A 160 2.93 0.52 -10.90
N VAL A 161 1.87 0.67 -10.10
CA VAL A 161 0.51 0.54 -10.60
C VAL A 161 -0.24 1.83 -10.28
N ALA A 162 -0.61 2.59 -11.30
CA ALA A 162 -1.24 3.87 -11.00
C ALA A 162 -2.59 4.12 -11.68
N VAL A 163 -3.56 4.60 -10.91
CA VAL A 163 -4.81 5.06 -11.49
C VAL A 163 -4.76 6.58 -11.70
N ILE A 164 -4.88 7.02 -12.95
CA ILE A 164 -4.84 8.44 -13.27
C ILE A 164 -6.23 8.94 -13.60
N SER A 165 -6.54 10.14 -13.13
CA SER A 165 -7.86 10.69 -13.33
C SER A 165 -7.85 12.17 -12.99
N LEU A 166 -7.95 12.99 -14.02
CA LEU A 166 -7.94 14.45 -13.92
C LEU A 166 -6.54 15.04 -13.72
N GLY A 167 -5.59 14.55 -14.50
CA GLY A 167 -4.23 15.04 -14.45
C GLY A 167 -3.62 14.78 -13.09
N SER A 168 -4.01 13.68 -12.47
CA SER A 168 -3.61 13.36 -11.10
C SER A 168 -3.59 11.84 -10.89
N ILE A 169 -2.95 11.40 -9.82
CA ILE A 169 -2.98 10.00 -9.46
C ILE A 169 -3.90 9.83 -8.27
N VAL A 170 -4.77 8.82 -8.30
CA VAL A 170 -5.74 8.70 -7.23
C VAL A 170 -5.44 7.51 -6.37
N THR A 171 -4.97 6.45 -6.99
CA THR A 171 -4.56 5.27 -6.25
C THR A 171 -3.30 4.72 -6.89
N TRP A 172 -2.48 4.08 -6.08
CA TRP A 172 -1.25 3.50 -6.59
C TRP A 172 -0.70 2.47 -5.64
N GLU A 173 0.19 1.67 -6.18
CA GLU A 173 0.90 0.67 -5.44
C GLU A 173 2.26 0.64 -6.07
N SER A 174 3.29 0.55 -5.24
CA SER A 174 4.65 0.31 -5.70
C SER A 174 5.21 -0.84 -4.90
N ILE A 175 6.01 -1.66 -5.55
CA ILE A 175 6.56 -2.84 -4.91
C ILE A 175 7.91 -3.03 -5.56
N ARG A 176 8.77 -3.79 -4.90
CA ARG A 176 10.16 -3.89 -5.32
C ARG A 176 10.43 -5.22 -6.02
N ILE A 177 9.58 -5.58 -6.97
CA ILE A 177 9.77 -6.80 -7.76
C ILE A 177 9.43 -6.51 -9.19
N ALA A 178 10.37 -6.74 -10.11
CA ALA A 178 10.22 -6.19 -11.45
C ALA A 178 11.37 -6.37 -12.45
N GLY A 179 11.70 -7.58 -12.83
CA GLY A 179 12.60 -7.67 -13.97
C GLY A 179 14.04 -7.98 -13.64
N ASP A 180 14.55 -7.36 -12.59
CA ASP A 180 15.81 -7.83 -12.04
C ASP A 180 15.51 -9.09 -11.22
N GLU A 181 14.35 -9.11 -10.56
CA GLU A 181 13.91 -10.28 -9.83
C GLU A 181 13.55 -11.41 -10.77
N MET A 182 13.30 -11.04 -12.04
CA MET A 182 13.09 -12.03 -13.09
C MET A 182 14.43 -12.62 -13.50
N ASP A 183 15.34 -11.76 -13.93
CA ASP A 183 16.66 -12.21 -14.27
C ASP A 183 17.16 -13.08 -13.11
N GLU A 184 17.02 -12.58 -11.90
CA GLU A 184 17.52 -13.29 -10.71
C GLU A 184 16.98 -14.72 -10.61
N ALA A 185 15.70 -14.90 -10.91
CA ALA A 185 15.07 -16.22 -10.83
C ALA A 185 15.62 -17.18 -11.86
N ILE A 186 16.01 -16.65 -13.02
CA ILE A 186 16.60 -17.47 -14.08
C ILE A 186 17.96 -17.98 -13.63
N VAL A 187 18.78 -17.09 -13.10
CA VAL A 187 20.09 -17.45 -12.55
C VAL A 187 19.97 -18.54 -11.49
N GLN A 188 19.05 -18.37 -10.55
CA GLN A 188 18.85 -19.36 -9.48
C GLN A 188 18.43 -20.71 -10.04
N TYR A 189 17.45 -20.68 -10.93
CA TYR A 189 16.97 -21.89 -11.59
C TYR A 189 18.13 -22.62 -12.24
N VAL A 190 18.91 -21.91 -13.03
CA VAL A 190 20.04 -22.53 -13.70
C VAL A 190 20.99 -23.12 -12.66
N ARG A 191 21.20 -22.41 -11.56
CA ARG A 191 22.13 -22.87 -10.56
C ARG A 191 21.64 -24.17 -9.97
N GLU A 192 20.38 -24.20 -9.56
CA GLU A 192 19.91 -25.34 -8.79
C GLU A 192 19.45 -26.58 -9.60
N THR A 193 19.24 -26.46 -10.91
CA THR A 193 18.86 -27.63 -11.71
C THR A 193 20.02 -28.28 -12.48
N TYR A 194 20.84 -27.47 -13.13
CA TYR A 194 22.14 -27.89 -13.64
C TYR A 194 23.06 -27.28 -12.62
N ARG A 195 24.29 -27.73 -12.45
CA ARG A 195 25.09 -27.06 -11.40
C ARG A 195 25.91 -25.87 -11.94
N VAL A 196 25.29 -25.12 -12.85
CA VAL A 196 26.00 -24.14 -13.65
C VAL A 196 25.77 -22.72 -13.20
N ALA A 197 26.81 -21.91 -13.22
CA ALA A 197 26.68 -20.50 -12.87
C ALA A 197 26.61 -19.59 -14.09
N ILE A 198 25.48 -18.90 -14.26
CA ILE A 198 25.42 -17.84 -15.26
C ILE A 198 25.26 -16.49 -14.57
N GLY A 199 25.35 -15.41 -15.35
CA GLY A 199 25.34 -14.08 -14.79
C GLY A 199 24.44 -13.06 -15.46
N GLU A 200 24.38 -11.88 -14.87
CA GLU A 200 23.47 -10.82 -15.31
C GLU A 200 23.18 -10.80 -16.82
N ARG A 201 24.17 -10.51 -17.65
CA ARG A 201 23.92 -10.34 -19.09
C ARG A 201 23.30 -11.56 -19.76
N THR A 202 23.61 -12.74 -19.22
CA THR A 202 23.09 -13.98 -19.77
C THR A 202 21.66 -14.23 -19.30
N ALA A 203 21.45 -14.17 -17.98
CA ALA A 203 20.07 -14.10 -17.46
C ALA A 203 19.17 -13.22 -18.30
N GLU A 204 19.63 -12.03 -18.62
CA GLU A 204 18.86 -11.03 -19.35
C GLU A 204 18.50 -11.49 -20.79
N ARG A 205 19.48 -12.07 -21.48
CA ARG A 205 19.27 -12.65 -22.82
C ARG A 205 18.37 -13.91 -22.86
N VAL A 206 18.51 -14.81 -21.89
CA VAL A 206 17.58 -15.92 -21.72
C VAL A 206 16.17 -15.36 -21.58
N LYS A 207 16.01 -14.40 -20.68
CA LYS A 207 14.72 -13.77 -20.49
C LYS A 207 14.13 -13.23 -21.79
N ILE A 208 14.96 -12.56 -22.61
CA ILE A 208 14.52 -12.01 -23.90
C ILE A 208 14.18 -13.08 -24.96
N GLU A 209 15.01 -14.10 -25.10
CA GLU A 209 14.84 -15.10 -26.15
C GLU A 209 13.76 -16.11 -25.87
N ILE A 210 13.60 -16.53 -24.61
CA ILE A 210 12.65 -17.61 -24.32
C ILE A 210 11.89 -17.48 -23.01
N GLY A 211 11.80 -16.28 -22.47
CA GLY A 211 11.04 -16.07 -21.25
C GLY A 211 9.55 -15.99 -21.50
N ASN A 212 8.75 -16.55 -20.58
CA ASN A 212 7.30 -16.58 -20.71
C ASN A 212 6.60 -16.97 -19.42
N VAL A 213 5.37 -16.50 -19.24
CA VAL A 213 4.55 -16.91 -18.11
C VAL A 213 3.19 -17.48 -18.50
N PHE A 214 3.09 -18.01 -19.72
CA PHE A 214 1.84 -18.65 -20.16
C PHE A 214 2.11 -19.86 -21.06
N PRO A 215 1.46 -20.99 -20.73
CA PRO A 215 1.59 -22.25 -21.47
C PRO A 215 1.10 -22.15 -22.91
N SER A 216 1.63 -23.01 -23.79
CA SER A 216 1.21 -23.07 -25.18
C SER A 216 2.29 -23.71 -26.05
N LYS A 217 1.90 -24.67 -26.89
CA LYS A 217 2.81 -25.25 -27.86
C LYS A 217 3.88 -24.24 -28.27
N GLU A 218 3.46 -23.02 -28.63
CA GLU A 218 4.42 -22.01 -29.08
C GLU A 218 5.50 -21.70 -28.03
N ASN A 219 5.11 -21.21 -26.86
CA ASN A 219 6.10 -20.89 -25.82
C ASN A 219 6.99 -22.03 -25.33
N ASP A 220 6.49 -23.26 -25.35
CA ASP A 220 7.25 -24.42 -24.87
C ASP A 220 8.38 -24.88 -25.80
N GLU A 221 8.38 -24.39 -27.04
CA GLU A 221 9.37 -24.82 -28.03
C GLU A 221 10.36 -23.70 -28.38
N LEU A 222 10.25 -22.57 -27.70
CA LEU A 222 11.30 -21.57 -27.71
C LEU A 222 12.49 -22.15 -26.95
N GLU A 223 13.66 -22.14 -27.58
CA GLU A 223 14.86 -22.64 -26.93
C GLU A 223 15.96 -21.63 -27.07
N THR A 224 16.99 -21.74 -26.23
CA THR A 224 18.20 -20.95 -26.41
C THR A 224 19.38 -21.67 -25.78
N THR A 225 20.60 -21.32 -26.19
CA THR A 225 21.79 -21.88 -25.57
C THR A 225 22.61 -20.79 -24.92
N VAL A 226 23.06 -21.06 -23.70
CA VAL A 226 23.81 -20.11 -22.92
C VAL A 226 25.11 -20.76 -22.35
N SER A 227 26.10 -19.95 -22.01
CA SER A 227 27.33 -20.50 -21.45
C SER A 227 27.62 -19.99 -20.05
N GLY A 228 28.06 -20.89 -19.19
CA GLY A 228 28.39 -20.55 -17.82
C GLY A 228 29.50 -21.42 -17.31
N ILE A 229 29.77 -21.34 -16.02
CA ILE A 229 30.81 -22.17 -15.42
C ILE A 229 30.22 -23.24 -14.51
N ASP A 230 30.57 -24.49 -14.75
CA ASP A 230 30.15 -25.55 -13.86
C ASP A 230 30.68 -25.31 -12.46
N LEU A 231 29.80 -25.12 -11.50
CA LEU A 231 30.23 -24.89 -10.13
C LEU A 231 30.99 -26.06 -9.50
N SER A 232 30.93 -27.24 -10.11
CA SER A 232 31.67 -28.38 -9.59
C SER A 232 33.04 -28.53 -10.25
N THR A 233 33.12 -28.38 -11.57
CA THR A 233 34.39 -28.57 -12.29
C THR A 233 35.14 -27.29 -12.63
N GLY A 234 34.61 -26.14 -12.26
CA GLY A 234 35.21 -24.85 -12.59
C GLY A 234 35.31 -24.61 -14.09
N LEU A 235 34.81 -25.58 -14.85
CA LEU A 235 34.96 -25.55 -16.29
C LEU A 235 33.77 -24.86 -16.93
N PRO A 236 33.95 -24.37 -18.17
CA PRO A 236 32.86 -23.74 -18.91
C PRO A 236 31.90 -24.79 -19.48
N ARG A 237 30.64 -24.71 -19.06
CA ARG A 237 29.62 -25.55 -19.65
C ARG A 237 28.82 -24.73 -20.64
N LYS A 238 27.80 -25.36 -21.21
CA LYS A 238 26.96 -24.73 -22.20
C LYS A 238 25.65 -25.48 -22.15
N LEU A 239 24.56 -24.77 -21.83
CA LEU A 239 23.25 -25.37 -21.69
C LEU A 239 22.33 -24.91 -22.79
N THR A 240 21.30 -25.72 -23.04
CA THR A 240 20.19 -25.29 -23.88
C THR A 240 18.93 -25.26 -23.02
N LEU A 241 18.38 -24.07 -22.83
CA LEU A 241 17.19 -23.91 -22.01
C LEU A 241 15.95 -23.85 -22.88
N LYS A 242 14.89 -24.50 -22.42
CA LYS A 242 13.61 -24.52 -23.12
C LYS A 242 12.62 -23.60 -22.41
N GLY A 243 11.95 -22.74 -23.18
CA GLY A 243 10.96 -21.82 -22.65
C GLY A 243 10.07 -22.44 -21.58
N GLY A 244 9.91 -23.76 -21.66
CA GLY A 244 9.03 -24.48 -20.74
C GLY A 244 9.56 -24.85 -19.37
N GLU A 245 10.88 -25.00 -19.20
CA GLU A 245 11.46 -25.22 -17.87
C GLU A 245 11.47 -23.91 -17.11
N VAL A 246 11.72 -22.85 -17.85
CA VAL A 246 11.86 -21.49 -17.34
C VAL A 246 10.57 -20.85 -16.82
N ARG A 247 9.43 -21.28 -17.34
CA ARG A 247 8.14 -20.66 -17.00
C ARG A 247 7.80 -20.80 -15.53
N GLU A 248 8.04 -22.00 -14.99
CA GLU A 248 7.85 -22.31 -13.58
C GLU A 248 8.44 -21.24 -12.67
N ALA A 249 9.73 -21.00 -12.82
CA ALA A 249 10.41 -19.99 -12.03
C ALA A 249 9.82 -18.60 -12.24
N LEU A 250 9.67 -18.16 -13.48
CA LEU A 250 9.22 -16.80 -13.72
C LEU A 250 7.82 -16.52 -13.14
N ARG A 251 6.91 -17.47 -13.23
CA ARG A 251 5.56 -17.28 -12.69
C ARG A 251 5.55 -16.90 -11.21
N SER A 252 6.29 -17.66 -10.40
CA SER A 252 6.47 -17.31 -9.01
C SER A 252 6.76 -15.83 -8.80
N VAL A 253 7.73 -15.31 -9.57
CA VAL A 253 8.13 -13.92 -9.39
C VAL A 253 6.98 -12.98 -9.73
N VAL A 254 6.24 -13.30 -10.78
CA VAL A 254 5.28 -12.36 -11.36
C VAL A 254 3.94 -12.36 -10.64
N VAL A 255 3.65 -13.47 -9.97
CA VAL A 255 2.47 -13.55 -9.13
C VAL A 255 2.37 -12.31 -8.24
N ALA A 256 3.51 -11.79 -7.81
CA ALA A 256 3.51 -10.68 -6.85
C ALA A 256 3.22 -9.34 -7.50
N ILE A 257 3.33 -9.28 -8.83
CA ILE A 257 3.09 -8.05 -9.57
C ILE A 257 1.62 -8.02 -9.83
N VAL A 258 1.10 -9.19 -10.16
CA VAL A 258 -0.34 -9.37 -10.30
C VAL A 258 -1.08 -8.95 -9.06
N GLU A 259 -0.65 -9.50 -7.92
CA GLU A 259 -1.27 -9.24 -6.64
C GLU A 259 -1.29 -7.75 -6.41
N SER A 260 -0.31 -7.07 -6.99
CA SER A 260 -0.18 -5.65 -6.76
C SER A 260 -1.21 -4.92 -7.56
N VAL A 261 -1.46 -5.42 -8.76
CA VAL A 261 -2.47 -4.84 -9.61
C VAL A 261 -3.85 -5.10 -8.99
N ARG A 262 -4.12 -6.36 -8.69
CA ARG A 262 -5.38 -6.72 -8.06
C ARG A 262 -5.61 -5.88 -6.80
N THR A 263 -4.61 -5.84 -5.92
CA THR A 263 -4.74 -5.05 -4.71
C THR A 263 -5.08 -3.59 -5.00
N THR A 264 -4.67 -3.07 -6.16
CA THR A 264 -4.97 -1.69 -6.53
C THR A 264 -6.43 -1.49 -6.93
N LEU A 265 -6.87 -2.27 -7.91
CA LEU A 265 -8.27 -2.26 -8.32
C LEU A 265 -9.24 -2.24 -7.15
N GLU A 266 -8.92 -2.99 -6.08
CA GLU A 266 -9.85 -3.11 -4.95
C GLU A 266 -10.07 -1.78 -4.23
N LYS A 267 -9.00 -1.08 -3.90
CA LYS A 267 -9.12 0.24 -3.27
C LYS A 267 -9.31 1.40 -4.26
N THR A 268 -9.73 1.09 -5.49
CA THR A 268 -10.06 2.11 -6.48
C THR A 268 -11.53 2.50 -6.38
N PRO A 269 -11.84 3.82 -6.49
CA PRO A 269 -13.20 4.35 -6.60
C PRO A 269 -13.96 3.74 -7.76
N PRO A 270 -15.11 3.12 -7.48
CA PRO A 270 -15.87 2.30 -8.41
C PRO A 270 -16.11 2.98 -9.76
N GLU A 271 -16.48 4.27 -9.74
CA GLU A 271 -16.69 5.01 -10.98
C GLU A 271 -15.51 4.88 -11.96
N LEU A 272 -14.29 4.85 -11.43
CA LEU A 272 -13.12 4.73 -12.30
C LEU A 272 -12.85 3.30 -12.72
N VAL A 273 -13.26 2.35 -11.88
CA VAL A 273 -13.08 0.93 -12.17
C VAL A 273 -13.88 0.57 -13.38
N SER A 274 -15.05 1.18 -13.50
CA SER A 274 -15.93 0.94 -14.62
C SER A 274 -15.29 1.42 -15.92
N ASP A 275 -14.52 2.51 -15.83
CA ASP A 275 -13.83 3.04 -17.01
C ASP A 275 -12.64 2.17 -17.35
N ILE A 276 -11.99 1.67 -16.32
CA ILE A 276 -10.85 0.82 -16.53
C ILE A 276 -11.26 -0.55 -17.06
N ILE A 277 -12.41 -1.05 -16.63
CA ILE A 277 -12.87 -2.35 -17.13
C ILE A 277 -13.26 -2.20 -18.57
N GLU A 278 -13.59 -1.00 -18.98
CA GLU A 278 -13.98 -0.79 -20.37
C GLU A 278 -12.76 -0.60 -21.24
N ARG A 279 -11.80 0.20 -20.77
CA ARG A 279 -10.66 0.57 -21.59
C ARG A 279 -9.57 -0.50 -21.56
N GLY A 280 -9.31 -0.99 -20.35
CA GLY A 280 -8.23 -1.92 -20.12
C GLY A 280 -7.13 -1.31 -19.27
N ILE A 281 -6.21 -2.18 -18.88
CA ILE A 281 -4.99 -1.80 -18.17
C ILE A 281 -3.86 -1.60 -19.19
N PHE A 282 -3.22 -0.43 -19.14
CA PHE A 282 -2.06 -0.10 -19.99
C PHE A 282 -0.74 -0.63 -19.41
N LEU A 283 -0.21 -1.71 -19.99
CA LEU A 283 1.01 -2.37 -19.53
C LEU A 283 2.28 -1.88 -20.26
N THR A 284 3.14 -1.16 -19.55
CA THR A 284 4.28 -0.50 -20.18
C THR A 284 5.56 -0.87 -19.41
N GLY A 285 6.70 -0.45 -19.94
CA GLY A 285 7.97 -0.65 -19.25
C GLY A 285 8.80 -1.84 -19.70
N GLY A 286 10.12 -1.67 -19.71
CA GLY A 286 11.06 -2.73 -20.05
C GLY A 286 10.88 -4.01 -19.24
N GLY A 287 10.30 -3.89 -18.05
CA GLY A 287 10.07 -5.07 -17.24
C GLY A 287 8.94 -5.91 -17.79
N SER A 288 8.07 -5.27 -18.55
CA SER A 288 6.80 -5.83 -18.99
C SER A 288 6.89 -6.81 -20.15
N LEU A 289 8.03 -6.83 -20.84
CA LEU A 289 8.15 -7.61 -22.07
C LEU A 289 8.41 -9.09 -21.80
N LEU A 290 7.56 -9.68 -21.00
CA LEU A 290 7.59 -11.11 -20.74
C LEU A 290 6.47 -11.79 -21.52
N ARG A 291 6.78 -12.77 -22.36
CA ARG A 291 5.74 -13.47 -23.12
C ARG A 291 4.60 -14.00 -22.25
N GLY A 292 3.38 -13.57 -22.57
CA GLY A 292 2.21 -14.02 -21.85
C GLY A 292 1.84 -13.19 -20.65
N LEU A 293 2.62 -12.14 -20.37
CA LEU A 293 2.36 -11.33 -19.19
C LEU A 293 1.00 -10.67 -19.33
N ASP A 294 0.73 -10.13 -20.52
CA ASP A 294 -0.55 -9.52 -20.84
C ASP A 294 -1.68 -10.52 -20.61
N THR A 295 -1.49 -11.73 -21.11
CA THR A 295 -2.46 -12.81 -21.04
C THR A 295 -2.69 -13.24 -19.61
N LEU A 296 -1.62 -13.37 -18.85
CA LEU A 296 -1.68 -13.75 -17.44
C LEU A 296 -2.38 -12.73 -16.55
N LEU A 297 -2.08 -11.46 -16.80
CA LEU A 297 -2.74 -10.38 -16.09
C LEU A 297 -4.25 -10.42 -16.34
N GLN A 298 -4.63 -10.63 -17.60
CA GLN A 298 -6.04 -10.69 -17.98
C GLN A 298 -6.73 -11.77 -17.21
N LYS A 299 -6.22 -12.99 -17.37
CA LYS A 299 -6.77 -14.17 -16.73
C LYS A 299 -6.94 -13.94 -15.24
N GLU A 300 -6.09 -13.12 -14.66
CA GLU A 300 -6.04 -13.03 -13.21
C GLU A 300 -6.72 -11.80 -12.59
N THR A 301 -7.21 -10.89 -13.41
CA THR A 301 -7.91 -9.70 -12.91
C THR A 301 -9.20 -9.48 -13.68
N GLY A 302 -9.28 -10.14 -14.84
CA GLY A 302 -10.46 -10.07 -15.67
C GLY A 302 -10.59 -8.85 -16.57
N ILE A 303 -9.75 -7.84 -16.38
CA ILE A 303 -9.76 -6.73 -17.30
C ILE A 303 -8.80 -7.05 -18.43
N SER A 304 -9.11 -6.60 -19.62
CA SER A 304 -8.18 -6.71 -20.72
C SER A 304 -6.91 -5.88 -20.47
N VAL A 305 -5.81 -6.31 -21.08
CA VAL A 305 -4.51 -5.70 -20.89
C VAL A 305 -3.95 -5.19 -22.22
N ILE A 306 -3.61 -3.90 -22.26
CA ILE A 306 -2.99 -3.30 -23.44
C ILE A 306 -1.47 -3.16 -23.32
N ARG A 307 -0.74 -3.58 -24.34
CA ARG A 307 0.70 -3.33 -24.36
C ARG A 307 1.05 -2.04 -25.08
N SER A 308 1.89 -1.24 -24.46
CA SER A 308 2.45 -0.06 -25.11
C SER A 308 3.15 -0.50 -26.40
N GLU A 309 3.02 0.34 -27.42
CA GLU A 309 3.69 0.11 -28.70
C GLU A 309 5.16 0.48 -28.57
N GLU A 310 5.45 1.28 -27.54
CA GLU A 310 6.81 1.72 -27.27
C GLU A 310 7.07 1.63 -25.78
N PRO A 311 7.27 0.39 -25.28
CA PRO A 311 7.44 0.00 -23.88
C PRO A 311 8.65 0.61 -23.20
N LEU A 312 9.67 1.02 -23.95
CA LEU A 312 10.93 1.44 -23.34
C LEU A 312 11.13 2.95 -23.32
N THR A 313 10.39 3.66 -24.16
CA THR A 313 10.63 5.08 -24.38
C THR A 313 9.50 5.98 -23.91
N ALA A 314 8.45 5.37 -23.37
CA ALA A 314 7.22 6.09 -23.06
C ALA A 314 7.42 7.17 -22.01
N VAL A 315 8.13 6.84 -20.93
CA VAL A 315 8.30 7.82 -19.86
C VAL A 315 9.12 9.01 -20.30
N ALA A 316 10.19 8.74 -21.04
CA ALA A 316 11.05 9.81 -21.51
C ALA A 316 10.28 10.76 -22.43
N LYS A 317 9.62 10.19 -23.45
CA LYS A 317 8.78 10.98 -24.35
C LYS A 317 7.75 11.81 -23.56
N GLY A 318 7.23 11.23 -22.49
CA GLY A 318 6.33 11.96 -21.62
C GLY A 318 7.02 13.09 -20.87
N ALA A 319 8.17 12.79 -20.28
CA ALA A 319 8.92 13.82 -19.55
C ALA A 319 9.24 15.03 -20.44
N GLY A 320 9.39 14.79 -21.73
CA GLY A 320 9.55 15.87 -22.68
C GLY A 320 8.25 16.41 -23.22
N MET A 321 7.29 15.52 -23.53
CA MET A 321 5.97 15.92 -24.01
C MET A 321 5.45 17.00 -23.09
N VAL A 322 5.71 16.84 -21.78
CA VAL A 322 5.09 17.65 -20.72
C VAL A 322 5.45 19.15 -20.70
N LEU A 323 6.59 19.53 -21.28
CA LEU A 323 7.04 20.93 -21.25
C LEU A 323 6.22 21.88 -22.12
N ASP A 324 5.25 21.33 -22.84
CA ASP A 324 4.27 22.14 -23.53
C ASP A 324 3.03 22.22 -22.67
N LYS A 325 2.68 21.09 -22.08
CA LYS A 325 1.49 21.01 -21.27
C LYS A 325 1.60 21.85 -20.00
N VAL A 326 1.46 23.16 -20.15
CA VAL A 326 1.53 24.12 -19.04
C VAL A 326 0.55 23.79 -17.92
N ASN A 327 -0.61 23.26 -18.29
CA ASN A 327 -1.66 22.97 -17.31
C ASN A 327 -1.28 21.82 -16.39
N ILE A 328 -0.40 20.96 -16.88
CA ILE A 328 0.12 19.84 -16.09
C ILE A 328 1.53 20.21 -15.62
N LEU A 329 2.17 21.11 -16.36
CA LEU A 329 3.47 21.61 -15.97
C LEU A 329 3.42 22.36 -14.65
N LYS A 330 2.55 23.36 -14.59
CA LYS A 330 2.49 24.24 -13.44
C LYS A 330 2.20 23.46 -12.15
N LYS A 331 1.96 22.16 -12.29
CA LYS A 331 1.66 21.34 -11.13
C LYS A 331 2.87 20.55 -10.63
N LEU A 332 3.96 20.54 -11.39
CA LEU A 332 5.14 19.73 -11.05
C LEU A 332 6.13 20.47 -10.17
N GLN A 333 6.78 19.74 -9.26
CA GLN A 333 7.78 20.34 -8.38
C GLN A 333 8.93 20.93 -9.17
N GLY A 334 9.43 22.08 -8.75
CA GLY A 334 10.39 22.81 -9.56
C GLY A 334 11.69 23.28 -8.89
N ALA A 335 12.67 23.59 -9.74
CA ALA A 335 13.94 24.16 -9.32
C ALA A 335 14.67 24.72 -10.51
N GLY A 336 15.18 25.93 -10.38
CA GLY A 336 15.82 26.63 -11.48
C GLY A 336 15.31 28.05 -11.62
N LYS B 4 -14.69 -25.26 25.81
CA LYS B 4 -14.64 -24.30 24.70
C LYS B 4 -14.78 -22.86 25.19
N ASP B 5 -13.69 -22.09 25.06
CA ASP B 5 -13.57 -20.76 25.68
C ASP B 5 -13.73 -19.56 24.72
N ILE B 6 -14.55 -18.59 25.13
CA ILE B 6 -14.80 -17.40 24.29
C ILE B 6 -14.51 -16.02 24.93
N GLY B 7 -14.36 -15.03 24.07
CA GLY B 7 -14.15 -13.66 24.52
C GLY B 7 -14.88 -12.73 23.58
N ILE B 8 -15.50 -11.69 24.12
CA ILE B 8 -16.36 -10.85 23.30
C ILE B 8 -16.06 -9.36 23.38
N ASP B 9 -15.64 -8.79 22.25
CA ASP B 9 -15.46 -7.35 22.13
C ASP B 9 -16.76 -6.68 21.71
N LEU B 10 -17.57 -6.29 22.69
CA LEU B 10 -18.79 -5.53 22.43
C LEU B 10 -18.43 -4.11 22.04
N GLY B 11 -18.06 -3.93 20.78
CA GLY B 11 -17.66 -2.64 20.26
C GLY B 11 -18.86 -1.78 19.92
N THR B 12 -18.63 -0.50 19.66
CA THR B 12 -19.74 0.42 19.40
C THR B 12 -20.13 0.50 17.93
N ALA B 13 -19.56 -0.39 17.12
CA ALA B 13 -19.89 -0.46 15.70
C ALA B 13 -19.88 -1.91 15.25
N ASN B 14 -18.94 -2.67 15.77
CA ASN B 14 -18.85 -4.10 15.48
C ASN B 14 -18.79 -4.95 16.75
N THR B 15 -18.58 -6.25 16.57
CA THR B 15 -18.43 -7.14 17.72
C THR B 15 -17.61 -8.33 17.31
N LEU B 16 -16.35 -8.34 17.74
CA LEU B 16 -15.50 -9.50 17.53
C LEU B 16 -15.83 -10.54 18.57
N VAL B 17 -15.59 -11.80 18.25
CA VAL B 17 -15.65 -12.83 19.26
C VAL B 17 -14.46 -13.72 19.04
N PHE B 18 -13.84 -14.14 20.13
CA PHE B 18 -12.60 -14.88 20.03
C PHE B 18 -12.73 -16.25 20.67
N LEU B 19 -12.62 -17.28 19.84
CA LEU B 19 -12.65 -18.65 20.31
C LEU B 19 -11.21 -19.18 20.24
N ARG B 20 -10.78 -19.89 21.28
CA ARG B 20 -9.42 -20.40 21.34
C ARG B 20 -9.02 -21.29 20.14
N GLY B 21 -7.78 -21.13 19.68
CA GLY B 21 -7.30 -21.97 18.61
C GLY B 21 -7.48 -21.38 17.23
N LYS B 22 -8.69 -20.87 16.95
CA LYS B 22 -8.97 -20.26 15.65
C LYS B 22 -9.35 -18.78 15.73
N GLY B 23 -9.01 -18.15 16.85
CA GLY B 23 -9.16 -16.71 17.01
C GLY B 23 -10.51 -16.12 16.68
N ILE B 24 -10.50 -15.04 15.90
CA ILE B 24 -11.72 -14.35 15.52
C ILE B 24 -12.61 -15.27 14.72
N VAL B 25 -13.80 -15.53 15.24
CA VAL B 25 -14.81 -16.32 14.55
C VAL B 25 -15.92 -15.39 14.05
N VAL B 26 -16.20 -14.34 14.83
CA VAL B 26 -17.24 -13.37 14.49
C VAL B 26 -16.67 -11.98 14.25
N ASN B 27 -17.23 -11.24 13.29
CA ASN B 27 -16.72 -9.93 12.93
C ASN B 27 -17.86 -9.01 12.48
N GLU B 28 -19.07 -9.35 12.87
CA GLU B 28 -20.23 -8.59 12.44
C GLU B 28 -20.49 -7.33 13.26
N PRO B 29 -21.26 -6.38 12.69
CA PRO B 29 -21.65 -5.08 13.26
C PRO B 29 -22.55 -5.18 14.49
N SER B 30 -22.38 -4.26 15.43
CA SER B 30 -23.21 -4.21 16.62
C SER B 30 -24.47 -3.37 16.42
N VAL B 31 -25.42 -3.92 15.66
CA VAL B 31 -26.69 -3.26 15.42
C VAL B 31 -27.87 -4.21 15.69
N ILE B 32 -28.89 -3.71 16.37
CA ILE B 32 -30.09 -4.48 16.64
C ILE B 32 -31.30 -3.87 15.92
N ALA B 33 -32.09 -4.71 15.24
CA ALA B 33 -33.22 -4.23 14.43
C ALA B 33 -34.62 -4.55 14.99
N ILE B 34 -35.43 -3.50 15.14
CA ILE B 34 -36.83 -3.60 15.54
C ILE B 34 -37.66 -2.63 14.66
N ASP B 35 -38.89 -3.00 14.34
CA ASP B 35 -39.74 -2.14 13.50
C ASP B 35 -40.24 -0.90 14.27
N SER B 36 -40.28 0.22 13.56
CA SER B 36 -40.21 1.55 14.18
C SER B 36 -41.45 2.14 14.84
N THR B 37 -42.01 1.44 15.83
CA THR B 37 -43.01 2.05 16.70
C THR B 37 -43.21 1.20 17.97
N THR B 38 -43.29 -0.12 17.79
CA THR B 38 -43.40 -1.05 18.91
C THR B 38 -42.08 -1.79 19.13
N GLY B 39 -41.71 -1.97 20.40
CA GLY B 39 -40.43 -2.56 20.75
C GLY B 39 -40.36 -4.06 20.51
N GLU B 40 -40.39 -4.45 19.25
CA GLU B 40 -40.21 -5.87 18.90
C GLU B 40 -38.77 -6.27 19.19
N ILE B 41 -38.18 -7.03 18.28
CA ILE B 41 -36.76 -7.41 18.38
C ILE B 41 -36.45 -8.62 17.50
N LEU B 42 -36.82 -8.50 16.23
CA LEU B 42 -36.63 -9.56 15.25
C LEU B 42 -35.16 -9.85 14.95
N LYS B 43 -34.45 -8.82 14.49
CA LYS B 43 -33.11 -8.98 13.93
C LYS B 43 -31.97 -8.53 14.86
N VAL B 44 -30.90 -9.32 14.88
CA VAL B 44 -29.67 -9.00 15.60
C VAL B 44 -28.46 -9.33 14.75
N GLY B 45 -27.60 -8.35 14.53
CA GLY B 45 -26.33 -8.61 13.86
C GLY B 45 -26.39 -8.57 12.34
N LEU B 46 -25.91 -9.64 11.73
CA LEU B 46 -25.67 -9.68 10.29
C LEU B 46 -26.86 -9.26 9.41
N GLU B 47 -28.06 -9.72 9.75
CA GLU B 47 -29.21 -9.48 8.88
C GLU B 47 -29.91 -8.16 9.17
N ALA B 48 -29.54 -7.52 10.27
CA ALA B 48 -30.01 -6.18 10.55
C ALA B 48 -29.29 -5.19 9.62
N LYS B 49 -28.30 -5.71 8.88
CA LYS B 49 -27.52 -4.94 7.91
C LYS B 49 -28.11 -5.02 6.50
N ASN B 50 -28.76 -6.15 6.22
CA ASN B 50 -29.35 -6.39 4.91
C ASN B 50 -30.68 -5.65 4.73
N MET B 51 -31.59 -5.81 5.69
CA MET B 51 -32.95 -5.29 5.57
C MET B 51 -33.15 -3.85 6.04
N ILE B 52 -32.07 -3.08 6.12
CA ILE B 52 -32.18 -1.66 6.46
C ILE B 52 -31.38 -0.79 5.49
N GLY B 53 -30.41 -1.40 4.81
CA GLY B 53 -29.68 -0.74 3.74
C GLY B 53 -30.49 -0.83 2.46
N LYS B 54 -31.80 -1.02 2.64
CA LYS B 54 -32.75 -1.22 1.56
C LYS B 54 -34.14 -0.83 2.05
N THR B 55 -34.47 -1.26 3.28
CA THR B 55 -35.71 -0.85 3.95
C THR B 55 -35.41 0.04 5.15
N PRO B 56 -35.08 1.31 4.90
CA PRO B 56 -34.90 2.25 6.02
C PRO B 56 -36.26 2.75 6.50
N ALA B 57 -37.31 2.45 5.72
CA ALA B 57 -38.65 2.97 5.97
C ALA B 57 -39.24 2.62 7.34
N THR B 58 -39.96 1.51 7.43
CA THR B 58 -40.60 1.09 8.67
C THR B 58 -39.69 0.18 9.48
N ILE B 59 -38.41 0.54 9.54
CA ILE B 59 -37.43 -0.18 10.36
C ILE B 59 -36.45 0.79 11.00
N LYS B 60 -36.53 0.93 12.32
CA LYS B 60 -35.60 1.78 13.08
C LYS B 60 -34.63 0.93 13.90
N ALA B 61 -33.48 0.63 13.31
CA ALA B 61 -32.44 -0.14 14.00
C ALA B 61 -31.81 0.68 15.12
N ILE B 62 -31.10 0.00 16.02
CA ILE B 62 -30.42 0.67 17.13
C ILE B 62 -28.98 0.16 17.27
N ARG B 63 -28.17 0.90 18.01
CA ARG B 63 -26.79 0.49 18.30
C ARG B 63 -26.55 0.56 19.80
N PRO B 64 -26.88 -0.53 20.52
CA PRO B 64 -26.89 -0.57 21.98
C PRO B 64 -25.75 0.22 22.57
N MET B 65 -24.54 -0.03 22.06
CA MET B 65 -23.34 0.65 22.52
C MET B 65 -23.44 2.16 22.30
N ARG B 66 -23.97 2.86 23.29
CA ARG B 66 -24.20 4.29 23.20
C ARG B 66 -22.90 5.08 22.97
N ASP B 67 -23.04 6.37 22.71
CA ASP B 67 -21.92 7.23 22.33
C ASP B 67 -21.04 7.66 23.51
N GLY B 68 -21.13 6.90 24.60
CA GLY B 68 -20.38 7.21 25.81
C GLY B 68 -20.01 5.99 26.65
N VAL B 69 -20.81 4.93 26.56
CA VAL B 69 -20.55 3.68 27.28
C VAL B 69 -21.17 2.47 26.58
N ILE B 70 -21.72 1.54 27.37
CA ILE B 70 -22.45 0.39 26.85
C ILE B 70 -23.81 0.27 27.57
N ALA B 71 -24.50 1.39 27.66
CA ALA B 71 -25.76 1.49 28.39
C ALA B 71 -26.96 0.94 27.62
N ASP B 72 -27.21 -0.35 27.76
CA ASP B 72 -28.38 -0.96 27.16
C ASP B 72 -29.23 -1.61 28.26
N TYR B 73 -30.53 -1.78 27.99
CA TYR B 73 -31.38 -2.55 28.88
C TYR B 73 -30.86 -3.98 28.91
N THR B 74 -31.62 -4.92 29.48
CA THR B 74 -31.18 -6.32 29.42
C THR B 74 -31.49 -6.87 28.03
N VAL B 75 -31.73 -5.95 27.09
CA VAL B 75 -31.73 -6.24 25.66
C VAL B 75 -30.35 -6.78 25.30
N ALA B 76 -29.43 -6.72 26.27
CA ALA B 76 -28.11 -7.32 26.16
C ALA B 76 -28.24 -8.83 26.03
N LEU B 77 -29.05 -9.45 26.87
CA LEU B 77 -29.27 -10.90 26.83
C LEU B 77 -29.52 -11.44 25.42
N VAL B 78 -30.25 -10.69 24.61
CA VAL B 78 -30.57 -11.15 23.26
C VAL B 78 -29.38 -11.00 22.31
N MET B 79 -28.71 -9.86 22.38
CA MET B 79 -27.53 -9.65 21.55
C MET B 79 -26.44 -10.62 21.98
N LEU B 80 -26.33 -10.82 23.28
CA LEU B 80 -25.39 -11.79 23.84
C LEU B 80 -25.84 -13.18 23.46
N ARG B 81 -27.16 -13.37 23.38
CA ARG B 81 -27.72 -14.65 22.99
C ARG B 81 -27.15 -15.06 21.64
N TYR B 82 -27.35 -14.20 20.64
CA TYR B 82 -26.95 -14.48 19.27
C TYR B 82 -25.46 -14.84 19.16
N PHE B 83 -24.63 -13.83 19.38
CA PHE B 83 -23.19 -13.99 19.27
C PHE B 83 -22.68 -15.22 19.99
N ILE B 84 -23.11 -15.43 21.23
CA ILE B 84 -22.64 -16.57 21.98
C ILE B 84 -22.99 -17.87 21.27
N ASN B 85 -24.02 -17.83 20.44
CA ASN B 85 -24.43 -19.04 19.71
C ASN B 85 -23.73 -19.18 18.37
N LYS B 86 -23.75 -18.10 17.58
CA LYS B 86 -23.04 -18.10 16.31
C LYS B 86 -21.66 -18.71 16.52
N ALA B 87 -21.03 -18.31 17.62
CA ALA B 87 -19.66 -18.72 17.93
C ALA B 87 -19.50 -20.22 18.16
N LYS B 88 -20.53 -20.84 18.74
CA LYS B 88 -20.45 -22.26 19.07
C LYS B 88 -20.44 -23.14 17.81
N GLY B 89 -20.21 -22.53 16.65
CA GLY B 89 -20.13 -23.24 15.39
C GLY B 89 -21.46 -23.80 14.91
N GLY B 90 -22.41 -23.88 15.84
CA GLY B 90 -23.75 -24.35 15.54
C GLY B 90 -24.75 -23.81 16.55
N MET B 91 -25.02 -24.60 17.58
CA MET B 91 -25.99 -24.23 18.60
C MET B 91 -26.24 -25.38 19.58
N ASN B 92 -25.28 -26.29 19.68
CA ASN B 92 -25.39 -27.39 20.63
C ASN B 92 -25.63 -26.89 22.05
N LEU B 93 -25.89 -27.80 22.98
CA LEU B 93 -26.09 -27.41 24.37
C LEU B 93 -24.89 -27.75 25.25
N PHE B 94 -23.74 -27.22 24.84
CA PHE B 94 -22.51 -27.23 25.62
C PHE B 94 -22.25 -25.78 25.98
N LYS B 95 -22.40 -25.44 27.26
CA LYS B 95 -22.28 -24.03 27.70
C LYS B 95 -20.83 -23.50 27.81
N PRO B 96 -20.50 -22.49 26.99
CA PRO B 96 -19.14 -21.95 26.95
C PRO B 96 -18.80 -21.09 28.17
N ARG B 97 -17.51 -20.97 28.45
CA ARG B 97 -17.02 -20.01 29.41
C ARG B 97 -16.87 -18.69 28.65
N VAL B 98 -17.45 -17.63 29.19
CA VAL B 98 -17.50 -16.35 28.49
C VAL B 98 -16.78 -15.22 29.24
N VAL B 99 -15.84 -14.56 28.57
CA VAL B 99 -15.19 -13.35 29.12
C VAL B 99 -15.63 -12.12 28.33
N ILE B 100 -16.43 -11.27 28.95
CA ILE B 100 -16.99 -10.11 28.27
C ILE B 100 -16.13 -8.87 28.48
N GLY B 101 -16.05 -8.04 27.45
CA GLY B 101 -15.28 -6.81 27.52
C GLY B 101 -16.10 -5.58 27.85
N VAL B 102 -15.87 -5.02 29.04
CA VAL B 102 -16.57 -3.83 29.52
C VAL B 102 -15.63 -2.63 29.71
N PRO B 103 -16.18 -1.41 29.58
CA PRO B 103 -15.44 -0.16 29.79
C PRO B 103 -15.11 0.04 31.26
N ILE B 104 -14.30 1.03 31.60
CA ILE B 104 -13.95 1.23 33.00
C ILE B 104 -14.99 2.07 33.74
N GLY B 105 -15.75 2.89 33.01
CA GLY B 105 -16.76 3.75 33.61
C GLY B 105 -18.00 3.02 34.07
N ILE B 106 -17.84 1.73 34.36
CA ILE B 106 -18.95 0.84 34.62
C ILE B 106 -19.23 0.71 36.10
N THR B 107 -20.49 0.89 36.47
CA THR B 107 -20.90 0.79 37.87
C THR B 107 -21.13 -0.66 38.29
N ASP B 108 -21.01 -0.93 39.59
CA ASP B 108 -21.16 -2.29 40.10
C ASP B 108 -22.58 -2.80 39.82
N VAL B 109 -23.47 -1.86 39.52
CA VAL B 109 -24.86 -2.16 39.20
C VAL B 109 -24.95 -2.72 37.78
N GLU B 110 -24.50 -1.93 36.82
CA GLU B 110 -24.45 -2.34 35.42
C GLU B 110 -23.66 -3.65 35.31
N ARG B 111 -22.67 -3.82 36.19
CA ARG B 111 -21.80 -4.99 36.15
C ARG B 111 -22.55 -6.27 36.55
N ARG B 112 -23.52 -6.15 37.44
CA ARG B 112 -24.24 -7.34 37.88
C ARG B 112 -25.22 -7.77 36.79
N ALA B 113 -25.72 -6.77 36.07
CA ALA B 113 -26.61 -6.99 34.93
C ALA B 113 -25.89 -7.73 33.82
N ILE B 114 -24.83 -7.12 33.28
CA ILE B 114 -24.12 -7.75 32.19
C ILE B 114 -23.74 -9.17 32.56
N LEU B 115 -23.31 -9.35 33.79
CA LEU B 115 -23.04 -10.68 34.35
C LEU B 115 -24.28 -11.58 34.34
N ASP B 116 -25.36 -11.11 34.97
CA ASP B 116 -26.61 -11.85 35.00
C ASP B 116 -27.13 -12.10 33.57
N ALA B 117 -27.20 -11.04 32.77
CA ALA B 117 -27.65 -11.15 31.39
C ALA B 117 -26.73 -12.06 30.56
N GLY B 118 -25.55 -12.34 31.10
CA GLY B 118 -24.60 -13.19 30.43
C GLY B 118 -24.93 -14.66 30.53
N LEU B 119 -25.21 -15.11 31.75
CA LEU B 119 -25.57 -16.50 31.98
C LEU B 119 -26.97 -16.74 31.42
N GLU B 120 -27.85 -15.75 31.58
CA GLU B 120 -29.18 -15.83 31.02
C GLU B 120 -29.05 -15.84 29.50
N ALA B 121 -27.85 -15.51 29.02
CA ALA B 121 -27.58 -15.45 27.59
C ALA B 121 -27.21 -16.83 27.07
N GLY B 122 -26.79 -17.71 27.97
CA GLY B 122 -26.47 -19.08 27.64
C GLY B 122 -25.02 -19.54 27.87
N ALA B 123 -24.42 -19.11 28.98
CA ALA B 123 -23.03 -19.42 29.29
C ALA B 123 -22.89 -20.14 30.62
N SER B 124 -21.92 -21.05 30.71
CA SER B 124 -21.67 -21.75 31.97
C SER B 124 -21.19 -20.80 33.08
N LYS B 125 -20.21 -19.97 32.75
CA LYS B 125 -19.72 -18.98 33.70
C LYS B 125 -19.19 -17.76 32.97
N VAL B 126 -19.57 -16.57 33.43
CA VAL B 126 -19.12 -15.30 32.82
C VAL B 126 -18.16 -14.51 33.71
N PHE B 127 -17.10 -14.00 33.10
CA PHE B 127 -16.20 -13.09 33.78
C PHE B 127 -16.35 -11.70 33.18
N LEU B 128 -15.91 -10.69 33.93
CA LEU B 128 -15.85 -9.31 33.44
C LEU B 128 -14.42 -8.82 33.41
N ILE B 129 -14.03 -8.21 32.29
CA ILE B 129 -12.68 -7.65 32.12
C ILE B 129 -12.74 -6.32 31.37
N GLU B 130 -11.95 -5.35 31.78
CA GLU B 130 -11.99 -4.02 31.16
C GLU B 130 -11.28 -3.91 29.79
N GLU B 131 -11.79 -3.07 28.89
CA GLU B 131 -11.17 -2.86 27.56
C GLU B 131 -9.63 -2.82 27.68
N PRO B 132 -9.10 -1.83 28.41
CA PRO B 132 -7.64 -1.62 28.44
C PRO B 132 -6.87 -2.89 28.78
N MET B 133 -7.32 -3.58 29.80
CA MET B 133 -6.61 -4.77 30.25
C MET B 133 -6.73 -5.90 29.27
N ALA B 134 -7.92 -6.06 28.68
CA ALA B 134 -8.08 -7.03 27.60
C ALA B 134 -7.10 -6.71 26.48
N ALA B 135 -6.98 -5.42 26.17
CA ALA B 135 -6.11 -4.98 25.10
C ALA B 135 -4.67 -5.38 25.40
N ALA B 136 -4.27 -5.13 26.64
CA ALA B 136 -2.90 -5.42 27.07
C ALA B 136 -2.62 -6.92 27.08
N ILE B 137 -3.42 -7.66 27.85
CA ILE B 137 -3.27 -9.10 27.90
C ILE B 137 -3.24 -9.70 26.51
N GLY B 138 -3.84 -9.00 25.56
CA GLY B 138 -3.94 -9.50 24.19
C GLY B 138 -2.79 -9.10 23.29
N SER B 139 -2.01 -8.14 23.73
CA SER B 139 -0.79 -7.80 23.02
C SER B 139 0.36 -8.30 23.86
N ASN B 140 0.12 -9.44 24.51
CA ASN B 140 0.98 -9.99 25.56
C ASN B 140 2.11 -9.08 26.05
N LEU B 141 1.72 -8.06 26.81
CA LEU B 141 2.61 -7.38 27.73
C LEU B 141 2.59 -8.30 28.91
N ASN B 142 3.04 -7.85 30.07
CA ASN B 142 3.05 -8.76 31.18
C ASN B 142 2.46 -8.08 32.37
N VAL B 143 1.14 -8.03 32.35
CA VAL B 143 0.36 -7.24 33.29
C VAL B 143 0.39 -7.77 34.72
N GLU B 144 0.90 -8.99 34.88
CA GLU B 144 1.14 -9.53 36.22
C GLU B 144 2.37 -8.89 36.87
N GLU B 145 3.34 -8.50 36.03
CA GLU B 145 4.55 -7.84 36.52
C GLU B 145 4.25 -6.52 37.23
N PRO B 146 5.12 -6.12 38.16
CA PRO B 146 4.92 -4.88 38.91
C PRO B 146 5.13 -3.66 38.02
N SER B 147 5.78 -3.86 36.88
CA SER B 147 6.14 -2.72 36.05
C SER B 147 4.93 -2.21 35.28
N GLY B 148 4.74 -0.90 35.37
CA GLY B 148 3.55 -0.27 34.84
C GLY B 148 3.48 -0.19 33.33
N ASN B 149 2.25 -0.25 32.81
CA ASN B 149 1.97 -0.02 31.41
C ASN B 149 0.86 1.01 31.32
N MET B 150 0.92 1.88 30.32
CA MET B 150 -0.19 2.79 30.07
C MET B 150 -0.81 2.44 28.73
N VAL B 151 -2.07 2.00 28.77
CA VAL B 151 -2.77 1.65 27.56
C VAL B 151 -3.75 2.76 27.23
N VAL B 152 -3.78 3.15 25.96
CA VAL B 152 -4.73 4.14 25.48
C VAL B 152 -5.62 3.48 24.43
N ASP B 153 -6.81 3.03 24.86
CA ASP B 153 -7.80 2.42 23.96
C ASP B 153 -8.83 3.46 23.47
N ILE B 154 -8.67 3.90 22.22
CA ILE B 154 -9.55 4.88 21.61
C ILE B 154 -10.53 4.14 20.70
N GLY B 155 -11.79 4.04 21.11
CA GLY B 155 -12.75 3.26 20.35
C GLY B 155 -13.80 4.03 19.59
N GLY B 156 -15.00 3.46 19.53
CA GLY B 156 -16.11 4.11 18.87
C GLY B 156 -16.48 5.44 19.48
N GLY B 157 -17.02 5.43 20.70
CA GLY B 157 -17.46 6.65 21.33
C GLY B 157 -16.75 6.95 22.63
N THR B 158 -15.72 6.18 22.95
CA THR B 158 -14.99 6.32 24.22
C THR B 158 -13.46 6.20 24.10
N THR B 159 -12.75 7.12 24.76
CA THR B 159 -11.29 6.97 24.90
C THR B 159 -10.88 6.62 26.33
N GLU B 160 -10.30 5.44 26.49
CA GLU B 160 -9.85 4.93 27.77
C GLU B 160 -8.32 5.07 27.91
N VAL B 161 -7.89 5.61 29.04
CA VAL B 161 -6.48 5.69 29.36
C VAL B 161 -6.28 4.98 30.69
N ALA B 162 -5.48 3.93 30.71
CA ALA B 162 -5.32 3.19 31.95
C ALA B 162 -3.88 2.75 32.20
N VAL B 163 -3.50 2.73 33.47
CA VAL B 163 -2.16 2.35 33.90
C VAL B 163 -2.23 1.03 34.64
N ILE B 164 -1.53 0.02 34.14
CA ILE B 164 -1.64 -1.32 34.69
C ILE B 164 -0.39 -1.81 35.39
N SER B 165 -0.60 -2.52 36.50
CA SER B 165 0.47 -3.12 37.27
C SER B 165 -0.09 -4.23 38.14
N LEU B 166 0.67 -5.29 38.33
CA LEU B 166 0.23 -6.40 39.18
C LEU B 166 -1.20 -6.79 38.87
N GLY B 167 -1.52 -6.85 37.58
CA GLY B 167 -2.81 -7.33 37.13
C GLY B 167 -4.01 -6.51 37.56
N SER B 168 -3.80 -5.24 37.88
CA SER B 168 -4.93 -4.35 38.15
C SER B 168 -4.76 -2.96 37.56
N ILE B 169 -5.87 -2.31 37.30
CA ILE B 169 -5.80 -0.94 36.87
C ILE B 169 -5.51 -0.10 38.10
N VAL B 170 -4.52 0.75 37.98
CA VAL B 170 -4.10 1.57 39.09
C VAL B 170 -4.68 2.97 38.95
N THR B 171 -4.73 3.45 37.71
CA THR B 171 -5.28 4.76 37.42
C THR B 171 -5.84 4.79 36.00
N TRP B 172 -6.91 5.54 35.79
CA TRP B 172 -7.54 5.60 34.49
C TRP B 172 -8.35 6.87 34.32
N GLU B 173 -8.57 7.25 33.06
CA GLU B 173 -9.50 8.31 32.72
C GLU B 173 -10.36 7.88 31.55
N SER B 174 -11.59 8.37 31.50
CA SER B 174 -12.48 8.09 30.38
C SER B 174 -13.18 9.35 29.90
N ILE B 175 -12.74 9.85 28.76
CA ILE B 175 -13.45 10.94 28.08
C ILE B 175 -14.48 10.33 27.13
N ARG B 176 -15.50 11.12 26.81
CA ARG B 176 -16.57 10.65 25.94
C ARG B 176 -16.30 10.96 24.47
N ILE B 177 -15.02 11.15 24.14
CA ILE B 177 -14.59 11.68 22.85
C ILE B 177 -13.57 10.80 22.11
N ALA B 178 -13.93 10.29 20.93
CA ALA B 178 -13.13 9.23 20.32
C ALA B 178 -13.60 8.67 18.98
N GLY B 179 -13.37 9.37 17.89
CA GLY B 179 -13.58 8.71 16.62
C GLY B 179 -14.98 8.80 16.04
N ASP B 180 -16.00 8.57 16.86
CA ASP B 180 -17.33 8.92 16.41
C ASP B 180 -17.38 10.44 16.31
N GLU B 181 -16.75 11.09 17.28
CA GLU B 181 -16.68 12.54 17.33
C GLU B 181 -15.68 13.11 16.30
N MET B 182 -14.82 12.25 15.79
CA MET B 182 -13.93 12.60 14.69
C MET B 182 -14.73 12.65 13.41
N ASP B 183 -15.58 11.65 13.23
CA ASP B 183 -16.47 11.59 12.10
C ASP B 183 -17.31 12.86 12.14
N GLU B 184 -17.93 13.13 13.29
CA GLU B 184 -18.70 14.36 13.44
C GLU B 184 -17.90 15.53 12.89
N ALA B 185 -16.65 15.62 13.35
CA ALA B 185 -15.74 16.69 12.97
C ALA B 185 -15.57 16.80 11.47
N ILE B 186 -15.32 15.68 10.81
CA ILE B 186 -15.14 15.69 9.37
C ILE B 186 -16.41 16.12 8.69
N VAL B 187 -17.49 15.35 8.91
CA VAL B 187 -18.80 15.68 8.38
C VAL B 187 -19.07 17.17 8.47
N GLN B 188 -18.98 17.72 9.69
CA GLN B 188 -19.20 19.13 9.91
C GLN B 188 -18.27 20.05 9.11
N TYR B 189 -17.01 19.65 8.94
CA TYR B 189 -16.10 20.44 8.14
C TYR B 189 -16.64 20.53 6.72
N VAL B 190 -17.14 19.41 6.21
CA VAL B 190 -17.58 19.37 4.82
C VAL B 190 -18.83 20.21 4.63
N ARG B 191 -19.67 20.28 5.66
CA ARG B 191 -20.87 21.10 5.57
C ARG B 191 -20.51 22.57 5.50
N GLU B 192 -19.77 23.04 6.50
CA GLU B 192 -19.47 24.45 6.62
C GLU B 192 -18.54 24.95 5.52
N THR B 193 -17.65 24.10 5.04
CA THR B 193 -16.68 24.53 4.07
C THR B 193 -17.21 24.46 2.64
N TYR B 194 -17.89 23.37 2.32
CA TYR B 194 -18.33 23.12 0.95
C TYR B 194 -19.86 23.22 0.70
N ARG B 195 -20.64 23.24 1.78
CA ARG B 195 -22.10 23.18 1.71
C ARG B 195 -22.54 21.89 1.02
N VAL B 196 -21.91 20.80 1.44
CA VAL B 196 -22.22 19.47 0.94
C VAL B 196 -22.47 18.64 2.17
N ALA B 197 -23.44 17.74 2.10
CA ALA B 197 -23.70 16.88 3.24
C ALA B 197 -23.19 15.50 2.92
N ILE B 198 -22.34 14.97 3.78
CA ILE B 198 -21.90 13.57 3.66
C ILE B 198 -22.23 12.80 4.93
N GLY B 199 -22.34 11.48 4.79
CA GLY B 199 -22.76 10.65 5.90
C GLY B 199 -21.65 10.04 6.75
N GLU B 200 -22.06 9.40 7.85
CA GLU B 200 -21.14 8.72 8.75
C GLU B 200 -20.14 7.85 8.00
N ARG B 201 -20.65 6.91 7.20
CA ARG B 201 -19.76 6.01 6.47
C ARG B 201 -18.74 6.73 5.58
N THR B 202 -19.13 7.85 4.98
CA THR B 202 -18.20 8.60 4.13
C THR B 202 -17.16 9.29 4.99
N ALA B 203 -17.60 10.03 6.00
CA ALA B 203 -16.66 10.55 6.98
C ALA B 203 -15.64 9.49 7.38
N GLU B 204 -16.11 8.30 7.75
CA GLU B 204 -15.22 7.23 8.20
C GLU B 204 -14.16 6.83 7.15
N ARG B 205 -14.54 6.83 5.87
CA ARG B 205 -13.63 6.47 4.81
C ARG B 205 -12.61 7.58 4.55
N VAL B 206 -13.02 8.82 4.74
CA VAL B 206 -12.07 9.92 4.62
C VAL B 206 -10.98 9.75 5.68
N LYS B 207 -11.41 9.49 6.90
CA LYS B 207 -10.52 9.32 8.05
C LYS B 207 -9.44 8.29 7.79
N ILE B 208 -9.84 7.16 7.21
CA ILE B 208 -8.88 6.17 6.77
C ILE B 208 -7.94 6.72 5.67
N GLU B 209 -8.51 7.15 4.55
CA GLU B 209 -7.72 7.53 3.38
C GLU B 209 -6.85 8.78 3.57
N ILE B 210 -7.35 9.82 4.22
CA ILE B 210 -6.53 11.02 4.36
C ILE B 210 -6.47 11.62 5.76
N GLY B 211 -6.90 10.85 6.75
CA GLY B 211 -6.91 11.34 8.12
C GLY B 211 -5.51 11.52 8.68
N ASN B 212 -5.31 12.56 9.50
CA ASN B 212 -3.99 12.93 9.96
C ASN B 212 -3.98 14.08 10.95
N VAL B 213 -3.06 14.04 11.91
CA VAL B 213 -3.01 15.05 12.95
C VAL B 213 -1.64 15.74 13.08
N PHE B 214 -0.64 15.24 12.34
CA PHE B 214 0.69 15.88 12.33
C PHE B 214 1.10 16.49 10.97
N PRO B 215 1.44 17.78 10.98
CA PRO B 215 1.82 18.54 9.78
C PRO B 215 3.00 17.92 9.06
N SER B 216 2.85 17.69 7.77
CA SER B 216 3.91 17.11 6.96
C SER B 216 3.54 17.11 5.48
N LYS B 217 4.53 17.33 4.62
CA LYS B 217 4.26 17.36 3.18
C LYS B 217 3.59 16.05 2.77
N GLU B 218 4.10 14.94 3.27
CA GLU B 218 3.55 13.64 2.92
C GLU B 218 2.07 13.56 3.34
N ASN B 219 1.74 14.10 4.50
CA ASN B 219 0.37 14.06 4.99
C ASN B 219 -0.58 15.02 4.27
N ASP B 220 -0.02 16.06 3.67
CA ASP B 220 -0.80 17.04 2.90
C ASP B 220 -0.89 16.65 1.43
N GLU B 221 0.10 15.90 0.96
CA GLU B 221 0.10 15.29 -0.37
C GLU B 221 -1.15 14.40 -0.51
N LEU B 222 -1.58 13.84 0.61
CA LEU B 222 -2.70 12.90 0.71
C LEU B 222 -4.02 13.48 0.20
N GLU B 223 -4.70 12.74 -0.67
CA GLU B 223 -6.04 13.16 -1.07
C GLU B 223 -6.92 11.99 -1.47
N THR B 224 -8.20 12.15 -1.11
CA THR B 224 -9.26 11.24 -1.53
C THR B 224 -10.40 12.06 -2.13
N THR B 225 -11.39 11.37 -2.68
CA THR B 225 -12.52 12.07 -3.29
C THR B 225 -13.84 11.46 -2.83
N VAL B 226 -14.70 12.28 -2.22
CA VAL B 226 -15.97 11.78 -1.73
C VAL B 226 -17.15 12.34 -2.51
N SER B 227 -18.30 11.68 -2.36
CA SER B 227 -19.54 12.08 -2.98
C SER B 227 -20.58 12.40 -1.92
N GLY B 228 -21.39 13.43 -2.12
CA GLY B 228 -22.43 13.79 -1.19
C GLY B 228 -23.48 14.69 -1.81
N ILE B 229 -24.57 14.91 -1.09
CA ILE B 229 -25.62 15.78 -1.59
C ILE B 229 -25.32 17.23 -1.32
N ASP B 230 -25.37 18.05 -2.37
CA ASP B 230 -25.19 19.48 -2.19
C ASP B 230 -26.37 20.11 -1.47
N LEU B 231 -26.09 20.92 -0.46
CA LEU B 231 -27.13 21.46 0.41
C LEU B 231 -28.03 22.55 -0.17
N SER B 232 -27.50 23.38 -1.08
CA SER B 232 -28.37 24.38 -1.70
C SER B 232 -29.24 23.72 -2.76
N THR B 233 -28.61 23.09 -3.75
CA THR B 233 -29.33 22.53 -4.89
C THR B 233 -29.89 21.10 -4.74
N GLY B 234 -29.72 20.48 -3.59
CA GLY B 234 -30.17 19.11 -3.42
C GLY B 234 -29.58 18.11 -4.42
N LEU B 235 -28.74 18.57 -5.35
CA LEU B 235 -28.07 17.69 -6.33
C LEU B 235 -26.84 16.91 -5.84
N PRO B 236 -26.62 15.69 -6.36
CA PRO B 236 -25.40 14.91 -6.06
C PRO B 236 -24.16 15.73 -6.32
N ARG B 237 -23.13 15.50 -5.52
CA ARG B 237 -21.91 16.27 -5.70
C ARG B 237 -20.64 15.55 -5.21
N LYS B 238 -19.77 15.21 -6.15
CA LYS B 238 -18.45 14.70 -5.85
C LYS B 238 -17.49 15.85 -5.48
N LEU B 239 -16.55 15.58 -4.58
CA LEU B 239 -15.48 16.54 -4.33
C LEU B 239 -14.17 15.91 -3.85
N THR B 240 -13.08 16.67 -3.98
CA THR B 240 -11.72 16.19 -3.73
C THR B 240 -11.12 16.82 -2.45
N LEU B 241 -10.84 15.97 -1.46
CA LEU B 241 -10.36 16.42 -0.16
C LEU B 241 -8.89 16.18 0.07
N LYS B 242 -8.15 17.25 0.34
CA LYS B 242 -6.74 17.15 0.73
C LYS B 242 -6.63 16.88 2.22
N GLY B 243 -5.64 16.09 2.62
CA GLY B 243 -5.29 15.91 4.02
C GLY B 243 -4.92 17.23 4.70
N GLY B 244 -4.58 18.23 3.90
CA GLY B 244 -4.34 19.57 4.41
C GLY B 244 -5.53 20.05 5.21
N GLU B 245 -6.61 20.37 4.52
CA GLU B 245 -7.80 20.94 5.14
C GLU B 245 -8.38 20.08 6.27
N VAL B 246 -8.45 18.78 6.03
CA VAL B 246 -9.03 17.83 6.97
C VAL B 246 -8.35 17.82 8.34
N ARG B 247 -7.12 18.30 8.40
CA ARG B 247 -6.36 18.22 9.64
C ARG B 247 -6.76 19.31 10.62
N GLU B 248 -7.02 20.49 10.10
CA GLU B 248 -7.48 21.59 10.93
C GLU B 248 -8.52 21.09 11.94
N ALA B 249 -9.54 20.42 11.42
CA ALA B 249 -10.68 20.04 12.24
C ALA B 249 -10.30 18.98 13.27
N LEU B 250 -9.91 17.81 12.79
CA LEU B 250 -9.55 16.70 13.65
C LEU B 250 -8.82 17.15 14.91
N ARG B 251 -7.90 18.10 14.76
CA ARG B 251 -7.07 18.51 15.87
C ARG B 251 -7.87 18.98 17.07
N SER B 252 -8.84 19.86 16.85
CA SER B 252 -9.64 20.37 17.95
C SER B 252 -10.34 19.21 18.68
N VAL B 253 -10.42 18.07 18.02
CA VAL B 253 -10.98 16.87 18.62
C VAL B 253 -9.92 16.13 19.42
N VAL B 254 -8.83 15.81 18.75
CA VAL B 254 -7.73 15.04 19.33
C VAL B 254 -7.16 15.68 20.60
N VAL B 255 -7.12 17.00 20.64
CA VAL B 255 -6.61 17.71 21.80
C VAL B 255 -7.25 17.27 23.12
N ALA B 256 -8.52 16.88 23.07
CA ALA B 256 -9.21 16.46 24.27
C ALA B 256 -8.75 15.07 24.68
N ILE B 257 -8.27 14.30 23.71
CA ILE B 257 -7.79 12.93 23.93
C ILE B 257 -6.41 12.97 24.55
N VAL B 258 -5.63 13.93 24.09
CA VAL B 258 -4.31 14.12 24.61
C VAL B 258 -4.27 14.56 26.07
N GLU B 259 -5.11 15.52 26.44
CA GLU B 259 -5.12 15.99 27.81
C GLU B 259 -5.60 14.89 28.76
N SER B 260 -6.43 13.99 28.25
CA SER B 260 -6.82 12.81 29.01
C SER B 260 -5.57 12.02 29.40
N VAL B 261 -4.78 11.61 28.41
CA VAL B 261 -3.51 10.93 28.65
C VAL B 261 -2.68 11.67 29.69
N ARG B 262 -2.56 12.98 29.53
CA ARG B 262 -1.87 13.80 30.53
C ARG B 262 -2.44 13.70 31.94
N THR B 263 -3.74 13.90 32.09
CA THR B 263 -4.33 13.88 33.42
C THR B 263 -4.16 12.51 34.08
N THR B 264 -3.72 11.52 33.31
CA THR B 264 -3.40 10.22 33.89
C THR B 264 -1.93 10.16 34.31
N LEU B 265 -1.04 10.56 33.42
CA LEU B 265 0.38 10.63 33.77
C LEU B 265 0.65 11.51 34.98
N GLU B 266 -0.23 12.48 35.23
CA GLU B 266 -0.03 13.39 36.34
C GLU B 266 -0.44 12.74 37.66
N LYS B 267 -1.39 11.80 37.61
CA LYS B 267 -1.90 11.19 38.83
C LYS B 267 -1.42 9.76 39.05
N THR B 268 -0.42 9.38 38.27
CA THR B 268 0.16 8.06 38.37
C THR B 268 1.34 8.08 39.33
N PRO B 269 1.36 7.13 40.29
CA PRO B 269 2.52 6.90 41.16
C PRO B 269 3.84 7.06 40.42
N PRO B 270 4.74 7.88 40.98
CA PRO B 270 5.99 8.27 40.33
C PRO B 270 6.75 7.06 39.82
N GLU B 271 6.78 6.01 40.63
CA GLU B 271 7.51 4.80 40.32
C GLU B 271 7.06 4.25 38.97
N LEU B 272 5.76 4.30 38.73
CA LEU B 272 5.20 3.76 37.51
C LEU B 272 5.41 4.70 36.33
N VAL B 273 5.42 6.00 36.56
CA VAL B 273 5.71 6.94 35.48
C VAL B 273 7.12 6.71 34.91
N SER B 274 8.03 6.25 35.77
CA SER B 274 9.38 5.96 35.31
C SER B 274 9.37 4.79 34.34
N ASP B 275 8.64 3.74 34.70
CA ASP B 275 8.53 2.57 33.83
C ASP B 275 7.85 2.89 32.51
N ILE B 276 6.85 3.77 32.54
CA ILE B 276 6.13 4.13 31.32
C ILE B 276 6.97 4.97 30.37
N ILE B 277 7.73 5.91 30.92
CA ILE B 277 8.55 6.76 30.07
C ILE B 277 9.52 5.93 29.28
N GLU B 278 9.89 4.79 29.85
CA GLU B 278 10.86 3.91 29.23
C GLU B 278 10.19 2.95 28.22
N ARG B 279 9.12 2.28 28.64
CA ARG B 279 8.37 1.41 27.73
C ARG B 279 7.73 2.19 26.57
N GLY B 280 7.18 3.36 26.87
CA GLY B 280 6.42 4.11 25.91
C GLY B 280 4.94 3.93 26.20
N ILE B 281 4.09 4.66 25.49
CA ILE B 281 2.64 4.53 25.65
C ILE B 281 2.08 3.59 24.58
N PHE B 282 1.16 2.71 24.99
CA PHE B 282 0.57 1.71 24.10
C PHE B 282 -0.75 2.20 23.54
N LEU B 283 -0.79 2.36 22.23
CA LEU B 283 -1.93 2.97 21.54
C LEU B 283 -2.69 1.91 20.72
N THR B 284 -3.91 1.59 21.16
CA THR B 284 -4.73 0.56 20.52
C THR B 284 -6.13 1.07 20.25
N GLY B 285 -6.93 0.25 19.57
CA GLY B 285 -8.33 0.55 19.32
C GLY B 285 -8.59 1.18 17.97
N GLY B 286 -9.78 0.94 17.43
CA GLY B 286 -10.11 1.43 16.10
C GLY B 286 -9.86 2.91 15.89
N GLY B 287 -10.15 3.72 16.91
CA GLY B 287 -10.09 5.15 16.77
C GLY B 287 -8.69 5.74 16.86
N SER B 288 -7.71 4.88 17.09
CA SER B 288 -6.31 5.28 17.23
C SER B 288 -5.58 5.33 15.90
N LEU B 289 -6.27 5.03 14.80
CA LEU B 289 -5.60 4.79 13.53
C LEU B 289 -5.19 6.05 12.76
N LEU B 290 -5.66 7.20 13.23
CA LEU B 290 -5.22 8.49 12.73
C LEU B 290 -3.73 8.53 12.43
N ARG B 291 -3.36 9.07 11.27
CA ARG B 291 -1.95 9.29 10.97
C ARG B 291 -1.42 10.44 11.82
N GLY B 292 -0.28 10.20 12.47
CA GLY B 292 0.38 11.22 13.24
C GLY B 292 -0.06 11.27 14.69
N LEU B 293 -1.01 10.42 15.06
CA LEU B 293 -1.52 10.39 16.43
C LEU B 293 -0.43 9.95 17.40
N ASP B 294 0.31 8.91 17.04
CA ASP B 294 1.50 8.54 17.78
C ASP B 294 2.47 9.73 17.83
N THR B 295 2.98 10.18 16.69
CA THR B 295 3.88 11.35 16.65
C THR B 295 3.38 12.53 17.47
N LEU B 296 2.08 12.81 17.37
CA LEU B 296 1.47 13.92 18.09
C LEU B 296 1.53 13.75 19.62
N LEU B 297 1.10 12.59 20.11
CA LEU B 297 1.17 12.24 21.54
C LEU B 297 2.58 12.30 22.11
N GLN B 298 3.55 11.77 21.37
CA GLN B 298 4.94 11.81 21.81
C GLN B 298 5.40 13.24 21.96
N LYS B 299 4.93 14.11 21.07
CA LYS B 299 5.29 15.52 21.12
C LYS B 299 4.66 16.19 22.34
N GLU B 300 3.47 15.75 22.72
CA GLU B 300 2.73 16.41 23.80
C GLU B 300 2.89 15.77 25.17
N THR B 301 3.60 14.64 25.25
CA THR B 301 3.89 14.00 26.54
C THR B 301 5.37 13.73 26.76
N GLY B 302 6.17 13.76 25.70
CA GLY B 302 7.58 13.49 25.83
C GLY B 302 7.87 12.01 25.82
N ILE B 303 6.81 11.22 25.83
CA ILE B 303 6.93 9.78 25.89
C ILE B 303 6.69 9.12 24.53
N SER B 304 7.59 8.25 24.10
CA SER B 304 7.41 7.60 22.81
C SER B 304 6.10 6.83 22.86
N VAL B 305 5.58 6.47 21.70
CA VAL B 305 4.32 5.75 21.62
C VAL B 305 4.43 4.56 20.69
N ILE B 306 3.80 3.46 21.10
CA ILE B 306 3.82 2.19 20.36
C ILE B 306 2.43 1.79 19.92
N ARG B 307 2.20 1.69 18.62
CA ARG B 307 0.92 1.19 18.11
C ARG B 307 0.82 -0.33 18.26
N SER B 308 -0.40 -0.81 18.50
CA SER B 308 -0.66 -2.23 18.56
C SER B 308 -0.63 -2.79 17.15
N GLU B 309 -0.24 -4.06 17.01
CA GLU B 309 -0.18 -4.70 15.71
C GLU B 309 -1.55 -5.22 15.31
N GLU B 310 -2.46 -5.26 16.27
CA GLU B 310 -3.83 -5.67 16.04
C GLU B 310 -4.81 -4.86 16.86
N PRO B 311 -5.01 -3.59 16.48
CA PRO B 311 -5.81 -2.56 17.15
C PRO B 311 -7.26 -2.96 17.31
N LEU B 312 -7.81 -3.58 16.27
CA LEU B 312 -9.25 -3.85 16.18
C LEU B 312 -9.64 -5.10 16.94
N THR B 313 -8.78 -6.10 16.89
CA THR B 313 -9.07 -7.38 17.52
C THR B 313 -8.44 -7.50 18.91
N ALA B 314 -7.68 -6.47 19.30
CA ALA B 314 -6.95 -6.51 20.55
C ALA B 314 -7.83 -6.92 21.73
N VAL B 315 -8.96 -6.23 21.89
CA VAL B 315 -9.77 -6.42 23.08
C VAL B 315 -10.42 -7.79 23.13
N ALA B 316 -10.97 -8.25 22.01
CA ALA B 316 -11.56 -9.58 22.01
C ALA B 316 -10.47 -10.63 22.22
N LYS B 317 -9.45 -10.58 21.37
CA LYS B 317 -8.39 -11.57 21.42
C LYS B 317 -7.96 -11.73 22.86
N GLY B 318 -7.95 -10.62 23.57
CA GLY B 318 -7.49 -10.62 24.95
C GLY B 318 -8.53 -11.13 25.93
N ALA B 319 -9.79 -10.80 25.69
CA ALA B 319 -10.84 -11.28 26.56
C ALA B 319 -10.97 -12.79 26.41
N GLY B 320 -10.15 -13.33 25.50
CA GLY B 320 -10.15 -14.75 25.21
C GLY B 320 -8.94 -15.46 25.78
N MET B 321 -7.80 -14.78 25.80
CA MET B 321 -6.56 -15.36 26.31
C MET B 321 -6.46 -15.39 27.84
N VAL B 322 -7.33 -14.68 28.53
CA VAL B 322 -7.27 -14.62 30.00
C VAL B 322 -7.99 -15.83 30.65
N LEU B 323 -8.59 -16.66 29.81
CA LEU B 323 -9.13 -17.94 30.26
C LEU B 323 -8.00 -18.96 30.37
N ASP B 324 -6.77 -18.46 30.21
CA ASP B 324 -5.58 -19.28 30.33
C ASP B 324 -4.76 -18.79 31.54
N LYS B 325 -4.48 -17.49 31.56
CA LYS B 325 -3.78 -16.88 32.70
C LYS B 325 -4.69 -16.88 33.92
N VAL B 326 -4.85 -18.03 34.55
CA VAL B 326 -5.77 -18.14 35.66
C VAL B 326 -5.40 -17.21 36.82
N ASN B 327 -4.20 -16.65 36.79
CA ASN B 327 -3.76 -15.76 37.84
C ASN B 327 -4.41 -14.37 37.74
N ILE B 328 -4.75 -13.97 36.53
CA ILE B 328 -5.48 -12.73 36.28
C ILE B 328 -6.98 -13.01 36.41
N LEU B 329 -7.35 -14.20 35.98
CA LEU B 329 -8.74 -14.57 35.91
C LEU B 329 -9.38 -14.57 37.28
N LYS B 330 -8.76 -15.29 38.20
CA LYS B 330 -9.40 -15.53 39.50
C LYS B 330 -9.68 -14.25 40.29
N LYS B 331 -9.03 -13.16 39.92
CA LYS B 331 -9.30 -11.87 40.58
C LYS B 331 -10.25 -10.98 39.76
N LEU B 332 -10.79 -11.53 38.68
CA LEU B 332 -11.82 -10.85 37.90
C LEU B 332 -13.19 -11.11 38.51
N GLN B 333 -14.14 -10.22 38.23
CA GLN B 333 -15.51 -10.42 38.66
C GLN B 333 -16.16 -11.53 37.84
N GLY B 334 -16.88 -12.41 38.52
CA GLY B 334 -17.54 -13.53 37.85
C GLY B 334 -18.89 -13.91 38.43
N ALA B 335 -19.52 -14.86 37.76
CA ALA B 335 -20.82 -15.37 38.19
C ALA B 335 -20.87 -16.86 37.81
N GLY B 336 -20.93 -17.73 38.83
CA GLY B 336 -20.83 -19.17 38.63
C GLY B 336 -22.01 -19.81 37.93
N SER C 2 -10.43 6.04 -43.35
CA SER C 2 -11.73 6.68 -43.53
C SER C 2 -12.66 5.79 -44.36
N GLU C 3 -12.35 5.64 -45.65
CA GLU C 3 -13.04 4.65 -46.45
C GLU C 3 -12.62 3.29 -45.94
N LYS C 4 -11.32 3.17 -45.64
CA LYS C 4 -10.79 1.94 -45.06
C LYS C 4 -11.32 1.63 -43.65
N TRP C 5 -11.63 2.68 -42.88
CA TRP C 5 -12.31 2.49 -41.58
C TRP C 5 -13.72 1.94 -41.81
N LYS C 6 -14.43 2.54 -42.75
CA LYS C 6 -15.79 2.13 -43.07
C LYS C 6 -15.83 0.65 -43.39
N GLU C 7 -14.88 0.23 -44.24
CA GLU C 7 -14.74 -1.17 -44.60
C GLU C 7 -14.29 -1.99 -43.40
N LEU C 8 -13.68 -1.31 -42.45
CA LEU C 8 -13.30 -1.93 -41.20
C LEU C 8 -14.58 -2.34 -40.50
N GLY C 9 -15.33 -1.34 -40.04
CA GLY C 9 -16.59 -1.58 -39.34
C GLY C 9 -17.56 -2.42 -40.13
N GLU C 10 -17.46 -2.35 -41.45
CA GLU C 10 -18.31 -3.14 -42.31
C GLU C 10 -18.00 -4.62 -42.14
N THR C 11 -16.73 -4.95 -41.94
CA THR C 11 -16.37 -6.35 -41.77
C THR C 11 -16.84 -6.84 -40.41
N PHE C 12 -16.69 -5.97 -39.41
CA PHE C 12 -17.13 -6.26 -38.05
C PHE C 12 -18.63 -6.52 -38.03
N ARG C 13 -19.41 -5.56 -38.53
CA ARG C 13 -20.86 -5.70 -38.56
C ARG C 13 -21.20 -7.01 -39.20
N LYS C 14 -20.66 -7.24 -40.40
CA LYS C 14 -20.97 -8.41 -41.20
C LYS C 14 -20.63 -9.71 -40.48
N LYS C 15 -19.53 -9.71 -39.74
CA LYS C 15 -19.05 -10.91 -39.08
C LYS C 15 -19.82 -11.18 -37.80
N ARG C 16 -20.32 -10.13 -37.18
CA ARG C 16 -21.08 -10.29 -35.95
C ARG C 16 -22.43 -10.90 -36.28
N GLU C 17 -23.04 -10.39 -37.35
CA GLU C 17 -24.39 -10.78 -37.74
C GLU C 17 -24.40 -12.20 -38.27
N GLU C 18 -23.25 -12.68 -38.73
CA GLU C 18 -23.14 -14.06 -39.16
C GLU C 18 -23.41 -15.01 -38.00
N ARG C 19 -23.79 -14.45 -36.85
CA ARG C 19 -24.12 -15.25 -35.66
C ARG C 19 -25.24 -14.60 -34.85
N ARG C 20 -25.88 -15.41 -34.01
CA ARG C 20 -27.00 -14.94 -33.22
C ARG C 20 -26.56 -13.85 -32.24
N ILE C 21 -25.65 -12.96 -32.67
CA ILE C 21 -25.07 -11.98 -31.72
C ILE C 21 -25.52 -10.55 -31.85
N THR C 22 -26.21 -10.07 -30.83
CA THR C 22 -26.68 -8.70 -30.81
C THR C 22 -25.58 -7.77 -30.31
N LEU C 23 -25.59 -6.51 -30.75
CA LEU C 23 -24.66 -5.53 -30.24
C LEU C 23 -24.56 -5.62 -28.73
N LEU C 24 -25.69 -5.73 -28.07
CA LEU C 24 -25.63 -5.73 -26.62
C LEU C 24 -25.00 -6.98 -26.04
N ASP C 25 -25.13 -8.12 -26.72
CA ASP C 25 -24.42 -9.34 -26.30
C ASP C 25 -22.92 -9.10 -26.44
N ALA C 26 -22.50 -8.66 -27.62
CA ALA C 26 -21.11 -8.33 -27.85
C ALA C 26 -20.52 -7.47 -26.74
N SER C 27 -21.23 -6.44 -26.33
CA SER C 27 -20.68 -5.52 -25.33
C SER C 27 -20.48 -6.20 -23.97
N LEU C 28 -21.21 -7.29 -23.72
CA LEU C 28 -21.11 -7.99 -22.43
C LEU C 28 -19.92 -8.94 -22.34
N PHE C 29 -19.41 -9.35 -23.51
CA PHE C 29 -18.34 -10.32 -23.65
C PHE C 29 -17.00 -9.64 -23.79
N THR C 30 -17.01 -8.47 -24.43
CA THR C 30 -15.88 -7.54 -24.42
C THR C 30 -16.43 -6.33 -23.77
N ASN C 31 -15.93 -5.97 -22.60
CA ASN C 31 -16.59 -4.93 -21.79
C ASN C 31 -16.78 -3.58 -22.49
N ILE C 32 -16.88 -3.61 -23.80
CA ILE C 32 -17.13 -2.43 -24.59
C ILE C 32 -18.51 -1.87 -24.32
N ASN C 33 -18.94 -0.92 -25.14
CA ASN C 33 -20.23 -0.30 -24.93
C ASN C 33 -20.95 -0.28 -26.25
N PRO C 34 -22.17 -0.83 -26.31
CA PRO C 34 -22.79 -0.98 -27.62
C PRO C 34 -22.67 0.34 -28.41
N SER C 35 -22.71 1.45 -27.69
CA SER C 35 -22.48 2.76 -28.29
C SER C 35 -21.17 2.82 -29.10
N LYS C 36 -20.05 2.53 -28.44
CA LYS C 36 -18.73 2.46 -29.08
C LYS C 36 -18.64 1.45 -30.23
N LEU C 37 -19.13 0.23 -30.02
CA LEU C 37 -19.19 -0.75 -31.11
C LEU C 37 -20.01 -0.21 -32.31
N LYS C 38 -21.15 0.43 -32.06
CA LYS C 38 -21.95 0.94 -33.18
C LYS C 38 -21.07 1.82 -34.04
N ARG C 39 -20.57 2.89 -33.43
CA ARG C 39 -19.65 3.79 -34.10
C ARG C 39 -18.57 3.03 -34.89
N ILE C 40 -17.91 2.08 -34.24
CA ILE C 40 -16.85 1.31 -34.91
C ILE C 40 -17.35 0.67 -36.20
N GLU C 41 -18.61 0.21 -36.18
CA GLU C 41 -19.17 -0.52 -37.30
C GLU C 41 -19.52 0.41 -38.46
N GLU C 42 -20.05 1.59 -38.12
CA GLU C 42 -20.33 2.58 -39.17
C GLU C 42 -19.07 3.34 -39.58
N GLY C 43 -17.95 2.94 -38.99
CA GLY C 43 -16.63 3.42 -39.37
C GLY C 43 -16.26 4.77 -38.81
N ASP C 44 -16.87 5.16 -37.69
CA ASP C 44 -16.70 6.53 -37.18
C ASP C 44 -15.83 6.57 -35.92
N LEU C 45 -14.53 6.73 -36.11
CA LEU C 45 -13.59 6.53 -35.03
C LEU C 45 -12.96 7.81 -34.53
N LYS C 46 -13.13 8.90 -35.28
CA LYS C 46 -12.35 10.11 -35.06
C LYS C 46 -12.10 10.50 -33.59
N GLY C 47 -13.14 10.57 -32.76
CA GLY C 47 -12.91 10.95 -31.37
C GLY C 47 -13.44 9.94 -30.37
N LEU C 48 -13.52 8.69 -30.81
CA LEU C 48 -14.11 7.60 -30.02
C LEU C 48 -13.46 7.53 -28.63
N ASP C 49 -12.14 7.66 -28.62
CA ASP C 49 -11.36 7.59 -27.39
C ASP C 49 -9.91 7.84 -27.78
N ALA C 50 -9.00 7.65 -26.85
CA ALA C 50 -7.60 7.83 -27.17
C ALA C 50 -7.21 6.77 -28.19
N GLU C 51 -6.26 7.09 -29.05
CA GLU C 51 -5.81 6.13 -30.05
C GLU C 51 -5.42 4.79 -29.42
N VAL C 52 -4.69 4.83 -28.33
CA VAL C 52 -4.23 3.60 -27.68
C VAL C 52 -5.39 2.69 -27.32
N TYR C 53 -6.47 3.30 -26.87
CA TYR C 53 -7.64 2.55 -26.48
C TYR C 53 -8.51 2.14 -27.69
N ILE C 54 -8.54 2.95 -28.74
CA ILE C 54 -9.26 2.58 -29.94
C ILE C 54 -8.66 1.34 -30.55
N LYS C 55 -7.35 1.24 -30.48
CA LYS C 55 -6.68 0.12 -31.12
C LYS C 55 -6.87 -1.12 -30.27
N SER C 56 -7.33 -0.94 -29.03
CA SER C 56 -7.53 -2.09 -28.15
C SER C 56 -8.97 -2.63 -28.26
N TYR C 57 -9.94 -1.76 -28.53
CA TYR C 57 -11.30 -2.21 -28.83
C TYR C 57 -11.25 -3.04 -30.10
N ILE C 58 -10.57 -2.52 -31.11
CA ILE C 58 -10.40 -3.23 -32.38
C ILE C 58 -9.80 -4.62 -32.17
N LYS C 59 -8.74 -4.68 -31.38
CA LYS C 59 -8.11 -5.97 -31.08
C LYS C 59 -9.20 -6.86 -30.50
N ARG C 60 -9.79 -6.39 -29.41
CA ARG C 60 -10.77 -7.15 -28.62
C ARG C 60 -12.00 -7.64 -29.38
N TYR C 61 -12.60 -6.75 -30.16
CA TYR C 61 -13.70 -7.10 -31.04
C TYR C 61 -13.26 -8.22 -31.96
N SER C 62 -12.17 -7.98 -32.68
CA SER C 62 -11.65 -8.96 -33.63
C SER C 62 -11.40 -10.33 -33.01
N GLU C 63 -10.92 -10.35 -31.77
CA GLU C 63 -10.63 -11.60 -31.08
C GLU C 63 -11.93 -12.29 -30.68
N PHE C 64 -12.94 -11.49 -30.36
CA PHE C 64 -14.28 -11.97 -30.01
C PHE C 64 -15.00 -12.63 -31.20
N LEU C 65 -14.89 -12.02 -32.37
CA LEU C 65 -15.38 -12.61 -33.62
C LEU C 65 -14.25 -13.44 -34.21
N GLU C 66 -14.47 -14.08 -35.34
CA GLU C 66 -13.44 -14.99 -35.87
C GLU C 66 -12.28 -14.21 -36.46
N LEU C 67 -12.34 -12.89 -36.41
CA LEU C 67 -11.47 -12.05 -37.24
C LEU C 67 -9.97 -12.14 -36.95
N SER C 68 -9.14 -11.77 -37.93
CA SER C 68 -7.69 -11.61 -37.71
C SER C 68 -7.31 -10.24 -37.12
N PRO C 69 -6.91 -10.22 -35.84
CA PRO C 69 -6.62 -8.95 -35.20
C PRO C 69 -5.70 -8.08 -36.04
N ASP C 70 -4.71 -8.73 -36.65
CA ASP C 70 -3.68 -8.02 -37.38
C ASP C 70 -4.24 -7.41 -38.66
N GLU C 71 -5.00 -8.19 -39.41
CA GLU C 71 -5.62 -7.67 -40.62
C GLU C 71 -6.62 -6.54 -40.30
N MET C 72 -7.07 -6.50 -39.06
CA MET C 72 -8.00 -5.46 -38.64
C MET C 72 -7.27 -4.18 -38.20
N LEU C 73 -6.21 -4.33 -37.41
CA LEU C 73 -5.41 -3.17 -37.00
C LEU C 73 -4.76 -2.53 -38.22
N LYS C 74 -4.24 -3.38 -39.11
CA LYS C 74 -3.67 -2.93 -40.38
C LYS C 74 -4.64 -1.99 -41.09
N LEU C 75 -5.89 -2.42 -41.23
CA LEU C 75 -6.91 -1.53 -41.80
C LEU C 75 -7.00 -0.24 -41.00
N TYR C 76 -7.12 -0.35 -39.68
CA TYR C 76 -7.28 0.86 -38.89
C TYR C 76 -6.15 1.82 -39.26
N GLU C 77 -4.95 1.28 -39.44
CA GLU C 77 -3.76 2.13 -39.67
C GLU C 77 -3.67 2.70 -41.09
N GLU C 78 -4.09 1.93 -42.08
CA GLU C 78 -4.25 2.47 -43.42
C GLU C 78 -5.23 3.63 -43.30
N GLY C 79 -6.26 3.45 -42.48
CA GLY C 79 -7.31 4.43 -42.36
C GLY C 79 -6.78 5.75 -41.85
N LYS C 80 -5.78 5.68 -40.98
CA LYS C 80 -5.23 6.87 -40.36
C LYS C 80 -4.42 7.63 -41.40
N GLU C 81 -3.58 6.91 -42.14
CA GLU C 81 -2.78 7.49 -43.20
C GLU C 81 -3.68 7.97 -44.34
N GLU C 82 -4.90 7.44 -44.38
CA GLU C 82 -5.89 7.88 -45.38
C GLU C 82 -6.50 9.25 -45.04
N VAL C 83 -6.48 9.63 -43.77
CA VAL C 83 -6.89 10.96 -43.37
C VAL C 83 -5.65 11.88 -43.37
N ALA C 84 -4.52 11.28 -43.00
CA ALA C 84 -3.24 11.95 -43.04
C ALA C 84 -2.98 12.53 -44.43
N GLU C 85 -2.70 11.64 -45.39
CA GLU C 85 -2.49 12.01 -46.79
C GLU C 85 -3.49 13.09 -47.21
N GLU C 86 -4.69 13.03 -46.63
CA GLU C 86 -5.80 13.91 -47.02
C GLU C 86 -5.65 15.33 -46.47
N VAL C 87 -4.87 15.47 -45.40
CA VAL C 87 -4.53 16.79 -44.88
C VAL C 87 -3.80 17.63 -45.93
N GLU C 88 -2.48 17.71 -45.81
CA GLU C 88 -1.68 18.59 -46.67
C GLU C 88 -1.30 17.92 -47.98
N GLU D 3 24.16 -17.23 15.94
CA GLU D 3 22.96 -16.63 16.53
C GLU D 3 22.75 -15.21 16.00
N LYS D 4 21.50 -14.87 15.68
CA LYS D 4 21.23 -13.68 14.88
C LYS D 4 21.20 -12.40 15.71
N TRP D 5 20.91 -12.54 16.99
CA TRP D 5 20.81 -11.40 17.89
C TRP D 5 22.17 -10.78 18.19
N LYS D 6 23.24 -11.55 18.00
CA LYS D 6 24.56 -11.02 18.20
C LYS D 6 25.01 -10.11 17.05
N GLU D 7 24.60 -10.43 15.82
CA GLU D 7 24.79 -9.49 14.72
C GLU D 7 24.02 -8.22 15.04
N LEU D 8 22.82 -8.39 15.60
CA LEU D 8 21.97 -7.26 15.99
C LEU D 8 22.67 -6.45 17.05
N GLY D 9 22.78 -7.01 18.25
CA GLY D 9 23.58 -6.41 19.30
C GLY D 9 24.86 -5.80 18.76
N GLU D 10 25.74 -6.63 18.20
CA GLU D 10 27.05 -6.16 17.77
C GLU D 10 26.96 -4.93 16.85
N THR D 11 26.11 -5.00 15.83
CA THR D 11 25.95 -3.86 14.93
C THR D 11 25.58 -2.60 15.70
N PHE D 12 24.73 -2.74 16.72
CA PHE D 12 24.42 -1.61 17.59
C PHE D 12 25.68 -1.11 18.27
N ARG D 13 26.27 -1.99 19.07
CA ARG D 13 27.47 -1.69 19.83
C ARG D 13 28.53 -1.01 18.94
N LYS D 14 28.81 -1.59 17.78
CA LYS D 14 29.83 -1.05 16.88
C LYS D 14 29.52 0.38 16.44
N LYS D 15 28.25 0.68 16.19
CA LYS D 15 27.90 1.96 15.61
C LYS D 15 27.85 3.05 16.66
N ARG D 16 27.53 2.65 17.89
CA ARG D 16 27.51 3.57 19.01
C ARG D 16 28.93 3.96 19.38
N GLU D 17 29.85 3.01 19.27
CA GLU D 17 31.25 3.27 19.58
C GLU D 17 31.92 4.05 18.45
N GLU D 18 31.49 3.82 17.23
CA GLU D 18 31.93 4.60 16.06
C GLU D 18 31.56 6.08 16.21
N ARG D 19 31.09 6.47 17.39
CA ARG D 19 30.78 7.85 17.73
C ARG D 19 31.28 8.19 19.14
N ARG D 20 30.97 9.39 19.60
CA ARG D 20 31.41 9.81 20.92
C ARG D 20 30.42 9.33 21.97
N ILE D 21 29.83 8.15 21.78
CA ILE D 21 28.61 7.84 22.54
C ILE D 21 28.55 6.74 23.62
N THR D 22 28.16 7.19 24.80
CA THR D 22 28.17 6.45 26.05
C THR D 22 26.85 5.76 26.29
N LEU D 23 26.89 4.56 26.86
CA LEU D 23 25.66 3.91 27.30
C LEU D 23 24.75 4.81 28.15
N LEU D 24 25.30 5.45 29.18
CA LEU D 24 24.49 6.29 30.06
C LEU D 24 23.95 7.50 29.32
N ASP D 25 24.77 8.06 28.44
CA ASP D 25 24.28 9.17 27.62
C ASP D 25 23.16 8.75 26.65
N ALA D 26 23.35 7.64 25.94
CA ALA D 26 22.31 7.08 25.09
C ALA D 26 21.05 6.81 25.91
N SER D 27 21.24 6.37 27.15
CA SER D 27 20.15 6.22 28.09
C SER D 27 19.22 7.45 28.07
N LEU D 28 19.81 8.64 28.05
CA LEU D 28 19.06 9.87 28.18
C LEU D 28 18.42 10.34 26.91
N PHE D 29 18.91 9.84 25.77
CA PHE D 29 18.31 10.18 24.48
C PHE D 29 17.14 9.26 24.15
N THR D 30 17.38 7.96 24.02
CA THR D 30 16.28 7.00 24.08
C THR D 30 16.10 6.64 25.52
N ASN D 31 14.93 6.88 26.08
CA ASN D 31 14.78 6.69 27.52
C ASN D 31 14.95 5.24 27.97
N ILE D 32 15.85 4.54 27.29
CA ILE D 32 16.12 3.14 27.52
C ILE D 32 17.25 2.99 28.51
N ASN D 33 16.91 2.52 29.70
CA ASN D 33 17.89 2.16 30.73
C ASN D 33 19.15 1.51 30.12
N PRO D 34 20.33 1.87 30.64
CA PRO D 34 21.56 1.47 29.97
C PRO D 34 21.77 -0.04 30.11
N SER D 35 21.26 -0.61 31.19
CA SER D 35 21.32 -2.04 31.41
C SER D 35 20.70 -2.81 30.24
N LYS D 36 19.56 -2.30 29.78
CA LYS D 36 18.85 -2.86 28.64
C LYS D 36 19.61 -2.60 27.35
N LEU D 37 20.11 -1.38 27.19
CA LEU D 37 21.01 -1.10 26.08
C LEU D 37 22.16 -2.11 26.06
N LYS D 38 22.70 -2.41 27.24
CA LYS D 38 23.82 -3.33 27.38
C LYS D 38 23.45 -4.74 26.94
N ARG D 39 22.35 -5.28 27.47
CA ARG D 39 21.89 -6.61 27.08
C ARG D 39 21.50 -6.71 25.58
N ILE D 40 21.03 -5.61 25.01
CA ILE D 40 20.69 -5.60 23.60
C ILE D 40 21.94 -5.62 22.75
N GLU D 41 22.95 -4.90 23.19
CA GLU D 41 24.21 -4.82 22.44
C GLU D 41 24.97 -6.11 22.55
N GLU D 42 24.72 -6.86 23.62
CA GLU D 42 25.31 -8.19 23.73
C GLU D 42 24.27 -9.25 23.38
N GLY D 43 23.33 -8.87 22.50
CA GLY D 43 22.31 -9.77 21.99
C GLY D 43 21.72 -10.77 22.97
N ASP D 44 21.28 -10.27 24.12
CA ASP D 44 20.61 -11.11 25.10
C ASP D 44 19.19 -10.60 25.33
N LEU D 45 18.32 -10.96 24.41
CA LEU D 45 16.96 -10.45 24.44
C LEU D 45 16.02 -11.33 25.26
N LYS D 46 16.25 -12.63 25.25
CA LYS D 46 15.37 -13.55 25.99
C LYS D 46 14.97 -12.95 27.33
N GLY D 47 13.68 -12.81 27.56
CA GLY D 47 13.18 -12.31 28.83
C GLY D 47 13.62 -10.90 29.21
N LEU D 48 14.10 -10.14 28.23
CA LEU D 48 14.49 -8.75 28.42
C LEU D 48 13.29 -7.96 28.94
N ASP D 49 12.41 -7.59 28.02
CA ASP D 49 11.09 -7.05 28.35
C ASP D 49 10.01 -7.72 27.49
N ALA D 50 8.77 -7.31 27.69
CA ALA D 50 7.67 -7.86 26.89
C ALA D 50 7.90 -7.58 25.40
N GLU D 51 7.68 -8.60 24.57
CA GLU D 51 8.05 -8.54 23.16
C GLU D 51 7.75 -7.20 22.50
N VAL D 52 6.51 -6.75 22.62
CA VAL D 52 6.11 -5.51 21.96
C VAL D 52 7.05 -4.37 22.28
N TYR D 53 7.50 -4.32 23.53
CA TYR D 53 8.45 -3.31 23.95
C TYR D 53 9.87 -3.53 23.40
N ILE D 54 10.36 -4.75 23.52
CA ILE D 54 11.66 -5.10 22.96
C ILE D 54 11.80 -4.49 21.57
N LYS D 55 10.76 -4.63 20.75
CA LYS D 55 10.76 -4.02 19.42
C LYS D 55 10.91 -2.52 19.52
N SER D 56 10.03 -1.86 20.29
CA SER D 56 10.11 -0.41 20.47
C SER D 56 11.54 -0.01 20.85
N TYR D 57 12.20 -0.81 21.70
CA TYR D 57 13.60 -0.53 22.02
C TYR D 57 14.46 -0.65 20.79
N ILE D 58 14.43 -1.84 20.19
CA ILE D 58 15.20 -2.10 19.00
C ILE D 58 15.01 -1.02 17.96
N LYS D 59 13.84 -0.38 17.99
CA LYS D 59 13.51 0.61 16.98
C LYS D 59 13.92 2.03 17.36
N ARG D 60 13.78 2.38 18.63
CA ARG D 60 14.09 3.73 19.07
C ARG D 60 15.59 3.89 19.12
N TYR D 61 16.25 2.80 19.46
CA TYR D 61 17.68 2.75 19.53
C TYR D 61 18.21 2.88 18.11
N SER D 62 17.59 2.14 17.19
CA SER D 62 17.97 2.18 15.78
C SER D 62 17.84 3.56 15.21
N GLU D 63 16.74 4.23 15.53
CA GLU D 63 16.50 5.57 15.04
C GLU D 63 17.50 6.56 15.65
N PHE D 64 17.72 6.46 16.95
CA PHE D 64 18.73 7.28 17.63
C PHE D 64 20.07 7.35 16.92
N LEU D 65 20.76 6.22 16.85
CA LEU D 65 22.02 6.14 16.11
C LEU D 65 21.75 5.76 14.64
N GLU D 66 21.34 6.78 13.88
CA GLU D 66 20.88 6.66 12.49
C GLU D 66 21.11 5.31 11.79
N LEU D 67 20.26 4.33 12.09
CA LEU D 67 20.31 3.05 11.42
C LEU D 67 18.94 2.72 10.81
N SER D 68 18.93 1.79 9.86
CA SER D 68 17.67 1.35 9.28
C SER D 68 16.88 0.54 10.31
N PRO D 69 15.77 1.10 10.79
CA PRO D 69 14.99 0.44 11.84
C PRO D 69 14.44 -0.89 11.35
N ASP D 70 14.12 -0.97 10.07
CA ASP D 70 13.64 -2.21 9.46
C ASP D 70 14.69 -3.32 9.52
N GLU D 71 15.83 -3.11 8.87
CA GLU D 71 16.84 -4.15 8.79
C GLU D 71 17.11 -4.69 10.20
N MET D 72 17.29 -3.78 11.15
CA MET D 72 17.54 -4.16 12.53
C MET D 72 16.45 -5.09 13.02
N LEU D 73 15.21 -4.59 13.01
CA LEU D 73 14.08 -5.43 13.38
C LEU D 73 14.19 -6.81 12.75
N LYS D 74 14.46 -6.87 11.44
CA LYS D 74 14.52 -8.14 10.73
C LYS D 74 15.45 -9.15 11.39
N LEU D 75 16.60 -8.68 11.85
CA LEU D 75 17.50 -9.51 12.65
C LEU D 75 16.85 -9.99 13.95
N TYR D 76 16.10 -9.09 14.60
CA TYR D 76 15.37 -9.46 15.80
C TYR D 76 14.27 -10.45 15.47
N GLU D 77 13.49 -10.12 14.45
CA GLU D 77 12.34 -10.92 14.04
C GLU D 77 12.79 -12.33 13.65
N GLU D 78 14.06 -12.44 13.30
CA GLU D 78 14.68 -13.75 13.19
C GLU D 78 15.04 -14.25 14.58
N GLY D 79 14.22 -13.88 15.57
CA GLY D 79 14.21 -14.52 16.87
C GLY D 79 13.34 -15.74 16.69
N LYS D 80 12.86 -15.90 15.45
CA LYS D 80 12.10 -17.08 15.04
C LYS D 80 12.96 -18.32 15.20
N GLU D 81 14.20 -18.11 15.65
CA GLU D 81 15.11 -19.20 15.97
C GLU D 81 14.95 -19.64 17.43
N GLU D 82 13.85 -19.24 18.06
CA GLU D 82 13.50 -19.76 19.39
C GLU D 82 12.45 -20.86 19.27
N VAL D 83 11.47 -20.65 18.38
CA VAL D 83 10.37 -21.58 18.21
C VAL D 83 10.90 -23.02 18.17
N ALA D 84 12.05 -23.18 17.50
CA ALA D 84 12.73 -24.45 17.46
C ALA D 84 13.54 -24.65 18.75
#